data_7OLF
#
_entry.id   7OLF
#
_cell.length_a   203.762
_cell.length_b   203.762
_cell.length_c   110.734
_cell.angle_alpha   90.000
_cell.angle_beta   90.000
_cell.angle_gamma   120.000
#
_symmetry.space_group_name_H-M   'P 62 2 2'
#
_entity_poly.entity_id   1
_entity_poly.type   'polypeptide(L)'
_entity_poly.pdbx_seq_one_letter_code
;MTVVPVTSADLDAAEVSWFSALCSDDYAYLGVPDGSLRSSFEHCSDIVKKAEELGFRNILCPSSYQVGQDTLSFVAGCAP
ISDRINFLAAIRCGEMQPIMLARTVATLDHMLKGRLTLNVISSDFPGEVADSAFRYKRSHEVVEILRQAWTRDTIDHDGE
IYQFKGVSTEPARPYQLNGGPLLYFGGYSPDALELCGAQCDVYLMWPETKDQLADRMRAAHERAAAHGRTLDYGLRVHMV
VRDTEQEAREYADHLVSKLDDEYGQLIRNRAHDSGSLGVSHQARARELADKFGYVEPNLWTGIGRARSGCGAALVGSTDQ
VLSALEEYQKMGIRAFILSGYPHLDEAEHFGTKVLPQMKTCSLPHAYGRVPSETPATPLGNGERHLEHHHHHH
;
_entity_poly.pdbx_strand_id   A,B
#
# COMPACT_ATOMS: atom_id res chain seq x y z
N MET A 1 -6.63 -19.71 38.07
CA MET A 1 -7.57 -19.01 37.16
C MET A 1 -6.86 -17.78 36.59
N THR A 2 -6.72 -17.72 35.26
CA THR A 2 -6.72 -16.48 34.44
C THR A 2 -8.03 -15.72 34.69
N VAL A 3 -8.05 -14.40 34.55
CA VAL A 3 -9.22 -13.58 34.96
C VAL A 3 -10.48 -14.14 34.31
N VAL A 4 -10.36 -14.54 33.04
CA VAL A 4 -11.43 -15.12 32.16
C VAL A 4 -10.75 -16.15 31.26
N PRO A 5 -11.50 -17.04 30.59
CA PRO A 5 -10.86 -18.00 29.68
C PRO A 5 -10.22 -17.25 28.51
N VAL A 6 -9.02 -17.68 28.14
CA VAL A 6 -8.21 -17.09 27.04
C VAL A 6 -7.95 -18.17 25.98
N THR A 7 -8.03 -17.79 24.71
CA THR A 7 -7.98 -18.70 23.55
C THR A 7 -6.68 -19.52 23.61
N SER A 8 -5.55 -18.87 23.93
CA SER A 8 -4.20 -19.46 24.08
C SER A 8 -3.96 -19.80 25.56
N ALA A 9 -4.79 -20.69 26.13
CA ALA A 9 -4.73 -21.09 27.55
C ALA A 9 -3.39 -21.79 27.82
N ASP A 10 -3.19 -22.98 27.25
CA ASP A 10 -2.03 -23.84 27.59
C ASP A 10 -0.75 -23.26 26.95
N LEU A 11 -0.78 -22.06 26.37
CA LEU A 11 0.41 -21.42 25.72
C LEU A 11 1.32 -20.82 26.80
N ASP A 12 2.56 -21.35 26.93
CA ASP A 12 3.51 -21.07 28.05
C ASP A 12 4.47 -19.95 27.65
N ALA A 13 3.93 -18.86 27.10
CA ALA A 13 4.67 -17.77 26.41
C ALA A 13 3.73 -16.61 26.08
N ALA A 14 4.24 -15.60 25.37
CA ALA A 14 3.46 -14.40 24.96
C ALA A 14 4.11 -13.71 23.75
N GLU A 15 3.30 -12.99 22.96
CA GLU A 15 3.79 -12.24 21.78
C GLU A 15 4.23 -10.87 22.25
N VAL A 16 5.54 -10.64 22.29
CA VAL A 16 6.14 -9.36 22.79
C VAL A 16 6.48 -8.48 21.60
N SER A 17 5.66 -7.45 21.38
CA SER A 17 5.64 -6.64 20.15
C SER A 17 6.27 -5.28 20.43
N TRP A 18 6.81 -4.63 19.40
CA TRP A 18 7.26 -3.21 19.47
C TRP A 18 6.32 -2.31 18.66
N PHE A 19 6.81 -1.16 18.19
CA PHE A 19 5.98 -0.06 17.65
C PHE A 19 6.79 0.74 16.61
N SER A 20 6.31 0.74 15.37
CA SER A 20 6.98 1.32 14.17
C SER A 20 6.97 2.84 14.26
N ALA A 21 5.98 3.42 14.95
CA ALA A 21 5.80 4.88 15.09
C ALA A 21 5.89 5.52 13.70
N LEU A 22 4.81 5.34 12.95
CA LEU A 22 4.66 5.82 11.56
C LEU A 22 3.91 7.16 11.55
N CYS A 23 3.50 7.68 12.71
CA CYS A 23 2.57 8.82 12.80
C CYS A 23 3.23 9.97 13.55
N SER A 24 4.42 10.33 13.07
CA SER A 24 5.42 11.20 13.73
C SER A 24 5.31 11.04 15.25
N ASP A 25 5.46 9.79 15.74
CA ASP A 25 5.20 9.40 17.14
C ASP A 25 6.54 9.31 17.90
N ASP A 26 7.71 9.42 17.24
CA ASP A 26 9.04 9.20 17.90
C ASP A 26 9.62 10.53 18.38
N TYR A 27 10.21 10.52 19.58
CA TYR A 27 10.75 11.70 20.30
C TYR A 27 11.90 11.31 21.24
N ALA A 28 12.76 12.27 21.56
CA ALA A 28 13.83 12.13 22.59
C ALA A 28 13.31 12.72 23.91
N TYR A 29 12.78 13.95 23.86
CA TYR A 29 12.03 14.64 24.94
C TYR A 29 10.60 14.82 24.43
N LEU A 30 9.59 14.31 25.16
CA LEU A 30 8.16 14.44 24.79
C LEU A 30 7.81 15.93 24.72
N GLY A 31 7.08 16.33 23.67
CA GLY A 31 6.71 17.74 23.40
C GLY A 31 7.75 18.42 22.54
N VAL A 32 8.87 17.74 22.28
CA VAL A 32 10.04 18.30 21.54
C VAL A 32 10.14 17.68 20.16
N PRO A 33 9.74 18.45 19.12
CA PRO A 33 9.82 17.99 17.73
C PRO A 33 11.29 17.80 17.33
N ASP A 34 11.69 16.58 16.98
CA ASP A 34 13.11 16.26 16.66
C ASP A 34 13.21 15.80 15.20
N GLY A 35 13.85 16.60 14.35
CA GLY A 35 14.24 16.23 12.98
C GLY A 35 14.87 14.85 12.92
N SER A 36 15.77 14.50 13.84
CA SER A 36 16.47 13.18 13.85
C SER A 36 15.42 12.08 13.63
N LEU A 37 14.24 12.17 14.27
CA LEU A 37 13.28 11.05 14.51
C LEU A 37 11.97 11.18 13.69
N ARG A 38 11.99 11.86 12.55
CA ARG A 38 10.84 11.97 11.61
C ARG A 38 10.25 10.57 11.41
N SER A 39 8.96 10.44 11.11
CA SER A 39 8.40 9.10 10.77
C SER A 39 8.62 8.81 9.26
N SER A 40 9.88 8.76 8.80
CA SER A 40 10.27 8.49 7.38
C SER A 40 10.49 7.00 7.21
N PHE A 41 10.53 6.50 5.97
CA PHE A 41 10.81 5.06 5.72
C PHE A 41 12.19 4.70 6.27
N GLU A 42 13.27 5.43 5.90
CA GLU A 42 14.65 5.11 6.39
C GLU A 42 14.48 4.68 7.85
N HIS A 43 13.99 5.59 8.69
CA HIS A 43 13.94 5.50 10.17
C HIS A 43 13.02 4.37 10.61
N CYS A 44 11.73 4.51 10.30
CA CYS A 44 10.66 3.62 10.81
C CYS A 44 11.01 2.18 10.48
N SER A 45 11.59 1.92 9.31
CA SER A 45 12.06 0.57 8.91
C SER A 45 13.22 0.15 9.82
N ASP A 46 14.17 1.06 10.09
CA ASP A 46 15.31 0.81 11.01
C ASP A 46 14.78 0.18 12.31
N ILE A 47 13.67 0.72 12.82
CA ILE A 47 12.95 0.19 14.01
C ILE A 47 12.59 -1.27 13.77
N VAL A 48 11.79 -1.54 12.75
CA VAL A 48 11.38 -2.92 12.38
C VAL A 48 12.63 -3.79 12.28
N LYS A 49 13.64 -3.29 11.55
CA LYS A 49 14.95 -3.97 11.35
C LYS A 49 15.56 -4.25 12.74
N LYS A 50 15.74 -3.25 13.62
CA LYS A 50 16.33 -3.39 15.00
C LYS A 50 15.42 -4.28 15.85
N ALA A 51 14.09 -4.10 15.72
CA ALA A 51 13.04 -4.81 16.47
C ALA A 51 13.11 -6.30 16.16
N GLU A 52 13.16 -6.63 14.87
CA GLU A 52 13.37 -8.02 14.40
C GLU A 52 14.76 -8.50 14.87
N GLU A 53 15.81 -7.67 14.72
CA GLU A 53 17.22 -7.98 15.10
C GLU A 53 17.20 -8.54 16.54
N LEU A 54 16.40 -7.93 17.44
CA LEU A 54 16.35 -8.26 18.90
C LEU A 54 15.40 -9.43 19.23
N GLY A 55 14.41 -9.75 18.40
CA GLY A 55 13.59 -10.98 18.58
C GLY A 55 12.21 -10.67 19.12
N PHE A 56 11.79 -9.40 19.10
CA PHE A 56 10.37 -8.99 19.11
C PHE A 56 9.64 -9.73 17.99
N ARG A 57 8.48 -10.32 18.29
CA ARG A 57 7.76 -11.31 17.44
C ARG A 57 6.62 -10.64 16.65
N ASN A 58 6.38 -9.35 16.90
CA ASN A 58 5.40 -8.54 16.14
C ASN A 58 5.77 -7.07 16.35
N ILE A 59 5.32 -6.19 15.46
CA ILE A 59 5.44 -4.71 15.65
C ILE A 59 4.16 -4.05 15.16
N LEU A 60 3.55 -3.26 16.03
CA LEU A 60 2.34 -2.51 15.63
C LEU A 60 2.75 -1.40 14.66
N CYS A 61 1.90 -1.19 13.66
CA CYS A 61 2.11 -0.18 12.61
C CYS A 61 0.86 0.67 12.55
N PRO A 62 0.90 1.83 13.20
CA PRO A 62 -0.28 2.67 13.33
C PRO A 62 -0.64 3.42 12.04
N SER A 63 -1.82 4.02 12.02
CA SER A 63 -2.48 4.58 10.81
C SER A 63 -3.31 5.80 11.19
N SER A 64 -2.84 7.00 10.84
CA SER A 64 -3.57 8.29 11.04
C SER A 64 -3.17 9.30 9.97
N TYR A 65 -3.92 10.39 9.83
CA TYR A 65 -3.51 11.50 8.95
C TYR A 65 -2.57 12.42 9.74
N GLN A 66 -1.38 11.92 10.08
CA GLN A 66 -0.23 12.73 10.54
C GLN A 66 0.94 12.51 9.56
N VAL A 67 1.95 13.38 9.60
CA VAL A 67 3.22 13.25 8.83
C VAL A 67 3.78 11.85 9.13
N GLY A 68 3.83 10.97 8.13
CA GLY A 68 4.52 9.67 8.25
C GLY A 68 4.15 8.71 7.13
N GLN A 69 4.49 7.43 7.31
CA GLN A 69 4.23 6.34 6.32
C GLN A 69 2.75 5.93 6.38
N ASP A 70 2.09 5.84 5.22
CA ASP A 70 0.86 5.02 5.08
C ASP A 70 1.25 3.61 5.50
N THR A 71 0.47 3.07 6.42
CA THR A 71 0.62 1.72 7.02
C THR A 71 0.95 0.69 5.93
N LEU A 72 -0.04 0.38 5.10
CA LEU A 72 0.00 -0.81 4.23
C LEU A 72 1.16 -0.71 3.27
N SER A 73 1.47 0.50 2.80
CA SER A 73 2.67 0.81 1.98
C SER A 73 3.90 0.33 2.76
N PHE A 74 4.06 0.87 3.96
CA PHE A 74 5.22 0.62 4.84
C PHE A 74 5.38 -0.88 5.10
N VAL A 75 4.28 -1.61 5.35
CA VAL A 75 4.30 -3.08 5.59
C VAL A 75 4.95 -3.76 4.38
N ALA A 76 4.47 -3.44 3.19
CA ALA A 76 4.97 -3.97 1.90
C ALA A 76 6.39 -3.49 1.66
N GLY A 77 6.71 -2.26 2.09
CA GLY A 77 8.09 -1.78 2.13
C GLY A 77 8.97 -2.82 2.79
N CYS A 78 8.56 -3.22 4.00
CA CYS A 78 9.41 -3.97 4.96
C CYS A 78 9.36 -5.47 4.66
N ALA A 79 8.35 -5.93 3.91
CA ALA A 79 8.13 -7.37 3.64
C ALA A 79 9.39 -8.00 3.05
N PRO A 80 9.94 -7.46 1.93
CA PRO A 80 11.19 -7.98 1.37
C PRO A 80 12.36 -7.99 2.38
N ILE A 81 12.49 -6.95 3.19
CA ILE A 81 13.66 -6.68 4.08
C ILE A 81 13.63 -7.61 5.30
N SER A 82 12.44 -8.07 5.74
CA SER A 82 12.23 -8.88 6.97
C SER A 82 12.37 -10.39 6.68
N ASP A 83 12.63 -11.20 7.72
CA ASP A 83 12.70 -12.69 7.72
C ASP A 83 11.69 -13.24 8.75
N ARG A 84 11.81 -12.86 10.03
CA ARG A 84 11.17 -13.48 11.23
C ARG A 84 9.93 -12.69 11.74
N ILE A 85 9.95 -11.34 11.84
CA ILE A 85 8.97 -10.53 12.65
C ILE A 85 7.59 -10.50 11.99
N ASN A 86 6.53 -10.64 12.77
CA ASN A 86 5.13 -10.39 12.32
C ASN A 86 4.92 -8.87 12.23
N PHE A 87 3.96 -8.43 11.41
CA PHE A 87 3.52 -7.02 11.34
C PHE A 87 2.08 -6.92 11.80
N LEU A 88 1.76 -5.87 12.56
CA LEU A 88 0.37 -5.56 12.95
C LEU A 88 -0.05 -4.26 12.25
N ALA A 89 -0.83 -4.41 11.19
CA ALA A 89 -1.24 -3.32 10.29
C ALA A 89 -2.55 -2.72 10.81
N ALA A 90 -2.52 -1.47 11.21
CA ALA A 90 -3.71 -0.64 11.39
C ALA A 90 -4.49 -0.56 10.07
N ILE A 91 -5.82 -0.62 10.13
CA ILE A 91 -6.73 -0.74 8.96
C ILE A 91 -8.02 0.01 9.23
N ARG A 92 -8.17 1.25 8.77
CA ARG A 92 -9.45 1.99 8.99
C ARG A 92 -10.48 1.43 8.01
N CYS A 93 -11.54 0.85 8.53
CA CYS A 93 -12.57 0.16 7.72
C CYS A 93 -13.38 1.19 6.93
N GLY A 94 -13.43 0.96 5.62
CA GLY A 94 -14.18 1.76 4.64
C GLY A 94 -13.24 2.66 3.88
N GLU A 95 -12.02 2.80 4.41
CA GLU A 95 -10.99 3.76 3.94
C GLU A 95 -10.57 3.36 2.54
N MET A 96 -10.18 2.09 2.36
CA MET A 96 -10.03 1.42 1.04
C MET A 96 -11.26 0.53 0.81
N GLN A 97 -11.70 0.43 -0.45
CA GLN A 97 -12.97 -0.25 -0.81
C GLN A 97 -12.81 -1.72 -0.46
N PRO A 98 -13.76 -2.28 0.32
CA PRO A 98 -13.62 -3.61 0.93
C PRO A 98 -12.95 -4.69 0.06
N ILE A 99 -13.45 -4.87 -1.16
CA ILE A 99 -12.99 -5.96 -2.08
C ILE A 99 -11.51 -5.69 -2.36
N MET A 100 -11.18 -4.45 -2.73
CA MET A 100 -9.77 -4.12 -3.00
C MET A 100 -8.93 -4.33 -1.74
N LEU A 101 -9.29 -3.74 -0.59
CA LEU A 101 -8.59 -4.07 0.70
C LEU A 101 -8.34 -5.59 0.73
N ALA A 102 -9.39 -6.40 0.53
CA ALA A 102 -9.36 -7.88 0.67
C ALA A 102 -8.17 -8.43 -0.11
N ARG A 103 -7.95 -7.85 -1.29
CA ARG A 103 -6.84 -8.17 -2.24
C ARG A 103 -5.53 -7.75 -1.58
N THR A 104 -5.32 -6.45 -1.44
CA THR A 104 -4.18 -5.84 -0.73
C THR A 104 -3.76 -6.75 0.44
N VAL A 105 -4.73 -7.17 1.26
CA VAL A 105 -4.50 -8.04 2.45
C VAL A 105 -3.82 -9.31 1.96
N ALA A 106 -4.44 -10.00 1.00
CA ALA A 106 -3.85 -11.21 0.36
C ALA A 106 -2.42 -10.92 -0.13
N THR A 107 -2.27 -9.88 -0.96
CA THR A 107 -1.00 -9.51 -1.62
C THR A 107 0.13 -9.52 -0.59
N LEU A 108 -0.09 -8.70 0.45
CA LEU A 108 0.82 -8.53 1.60
C LEU A 108 1.07 -9.90 2.22
N ASP A 109 -0.02 -10.61 2.53
CA ASP A 109 0.03 -11.89 3.27
C ASP A 109 1.07 -12.77 2.57
N HIS A 110 0.95 -12.84 1.25
CA HIS A 110 1.88 -13.59 0.37
C HIS A 110 3.26 -12.94 0.36
N MET A 111 3.33 -11.61 0.24
CA MET A 111 4.62 -10.89 0.37
C MET A 111 5.34 -11.34 1.66
N LEU A 112 4.60 -11.72 2.71
CA LEU A 112 5.15 -11.93 4.08
C LEU A 112 5.16 -13.42 4.46
N LYS A 113 4.80 -14.31 3.53
CA LYS A 113 4.64 -15.76 3.80
C LYS A 113 3.90 -15.93 5.14
N GLY A 114 2.80 -15.19 5.36
CA GLY A 114 1.86 -15.39 6.49
C GLY A 114 2.06 -14.46 7.69
N ARG A 115 3.15 -13.69 7.73
CA ARG A 115 3.56 -12.87 8.90
C ARG A 115 2.70 -11.60 8.97
N LEU A 116 1.38 -11.73 8.92
CA LEU A 116 0.48 -10.55 8.92
C LEU A 116 -0.63 -10.70 9.96
N THR A 117 -1.00 -9.55 10.52
CA THR A 117 -2.08 -9.37 11.51
C THR A 117 -2.68 -7.98 11.28
N LEU A 118 -3.89 -7.93 10.71
CA LEU A 118 -4.70 -6.69 10.57
C LEU A 118 -5.15 -6.26 12.00
N ASN A 119 -4.93 -4.99 12.36
CA ASN A 119 -5.51 -4.28 13.53
C ASN A 119 -6.61 -3.32 13.07
N VAL A 120 -7.84 -3.58 13.50
CA VAL A 120 -9.08 -3.02 12.88
C VAL A 120 -9.52 -1.79 13.65
N ILE A 121 -8.97 -0.62 13.30
CA ILE A 121 -9.37 0.67 13.93
C ILE A 121 -10.61 1.15 13.17
N SER A 122 -11.49 1.89 13.85
CA SER A 122 -12.88 2.15 13.38
C SER A 122 -13.21 3.65 13.47
N SER A 123 -12.19 4.50 13.64
CA SER A 123 -12.28 5.97 13.81
C SER A 123 -12.78 6.61 12.53
N ASP A 124 -12.96 7.94 12.53
CA ASP A 124 -13.35 8.78 11.36
C ASP A 124 -12.23 8.78 10.30
N PHE A 125 -12.60 8.94 9.03
CA PHE A 125 -11.65 9.15 7.90
C PHE A 125 -11.09 10.56 7.94
N PRO A 126 -9.89 10.80 7.33
CA PRO A 126 -9.30 12.13 7.30
C PRO A 126 -10.16 13.18 6.57
N GLY A 127 -10.53 14.26 7.27
CA GLY A 127 -11.34 15.37 6.75
C GLY A 127 -12.82 15.04 6.71
N GLU A 128 -13.19 13.86 7.22
CA GLU A 128 -14.59 13.35 7.27
C GLU A 128 -15.01 13.21 8.74
N VAL A 129 -16.33 13.23 8.97
CA VAL A 129 -16.93 13.16 10.33
C VAL A 129 -18.28 12.43 10.25
N ALA A 130 -18.36 11.22 10.81
CA ALA A 130 -19.53 10.32 10.78
C ALA A 130 -19.75 9.74 12.18
N ASP A 131 -21.01 9.46 12.52
CA ASP A 131 -21.45 9.19 13.91
C ASP A 131 -21.00 7.77 14.27
N SER A 132 -20.64 7.53 15.53
CA SER A 132 -20.04 6.26 16.03
C SER A 132 -20.85 5.07 15.50
N ALA A 133 -22.16 5.10 15.76
CA ALA A 133 -23.15 4.09 15.33
C ALA A 133 -22.76 3.53 13.97
N PHE A 134 -22.69 4.40 12.95
CA PHE A 134 -22.34 4.08 11.55
C PHE A 134 -20.91 3.53 11.46
N ARG A 135 -19.94 4.25 12.02
CA ARG A 135 -18.50 3.94 11.85
C ARG A 135 -18.23 2.48 12.19
N TYR A 136 -18.90 1.97 13.22
CA TYR A 136 -18.80 0.59 13.75
C TYR A 136 -19.58 -0.37 12.83
N LYS A 137 -20.88 -0.10 12.68
CA LYS A 137 -21.72 -0.79 11.68
C LYS A 137 -20.89 -0.99 10.41
N ARG A 138 -20.14 0.03 9.98
CA ARG A 138 -19.29 -0.05 8.76
C ARG A 138 -18.16 -1.05 9.01
N SER A 139 -17.30 -0.78 9.98
CA SER A 139 -16.16 -1.65 10.37
C SER A 139 -16.63 -3.10 10.55
N HIS A 140 -17.88 -3.32 10.99
CA HIS A 140 -18.50 -4.67 11.05
C HIS A 140 -18.47 -5.31 9.66
N GLU A 141 -19.29 -4.76 8.75
CA GLU A 141 -19.51 -5.24 7.36
C GLU A 141 -18.17 -5.46 6.68
N VAL A 142 -17.15 -4.67 7.01
CA VAL A 142 -15.83 -4.75 6.34
C VAL A 142 -15.12 -6.02 6.79
N VAL A 143 -15.10 -6.28 8.11
CA VAL A 143 -14.52 -7.55 8.64
C VAL A 143 -15.38 -8.69 8.09
N GLU A 144 -16.72 -8.63 8.23
CA GLU A 144 -17.65 -9.68 7.74
C GLU A 144 -17.17 -10.13 6.34
N ILE A 145 -16.84 -9.16 5.49
CA ILE A 145 -16.43 -9.35 4.07
C ILE A 145 -15.02 -9.97 4.01
N LEU A 146 -14.02 -9.32 4.61
CA LEU A 146 -12.61 -9.84 4.69
C LEU A 146 -12.62 -11.31 5.09
N ARG A 147 -13.43 -11.64 6.11
CA ARG A 147 -13.59 -13.03 6.60
C ARG A 147 -14.12 -13.91 5.47
N GLN A 148 -15.15 -13.49 4.75
CA GLN A 148 -15.63 -14.30 3.59
C GLN A 148 -14.46 -14.56 2.64
N ALA A 149 -13.73 -13.53 2.20
CA ALA A 149 -12.57 -13.67 1.30
C ALA A 149 -11.67 -14.82 1.78
N TRP A 150 -11.48 -14.89 3.09
CA TRP A 150 -10.48 -15.77 3.74
C TRP A 150 -11.02 -17.19 3.89
N THR A 151 -12.34 -17.37 3.93
CA THR A 151 -13.01 -18.67 4.20
C THR A 151 -13.64 -19.21 2.91
N ARG A 152 -14.47 -18.41 2.23
CA ARG A 152 -15.45 -18.84 1.17
C ARG A 152 -14.88 -18.72 -0.24
N ASP A 153 -15.70 -19.10 -1.22
CA ASP A 153 -15.36 -19.16 -2.68
C ASP A 153 -15.69 -17.80 -3.30
N THR A 154 -16.86 -17.25 -3.01
CA THR A 154 -17.28 -15.93 -3.49
C THR A 154 -17.88 -15.13 -2.31
N ILE A 155 -17.81 -13.82 -2.45
CA ILE A 155 -18.27 -12.86 -1.42
C ILE A 155 -19.70 -12.52 -1.74
N ASP A 156 -20.58 -12.83 -0.79
CA ASP A 156 -22.04 -12.57 -0.81
C ASP A 156 -22.38 -11.87 0.50
N HIS A 157 -22.56 -10.55 0.43
CA HIS A 157 -22.83 -9.66 1.57
C HIS A 157 -23.80 -8.58 1.14
N ASP A 158 -25.03 -8.61 1.65
CA ASP A 158 -26.02 -7.53 1.44
C ASP A 158 -26.17 -6.77 2.76
N GLY A 159 -25.45 -5.65 2.91
CA GLY A 159 -25.42 -4.81 4.12
C GLY A 159 -26.14 -3.48 3.92
N GLU A 160 -26.18 -2.63 4.95
CA GLU A 160 -26.82 -1.28 4.88
C GLU A 160 -25.81 -0.33 4.22
N ILE A 161 -24.52 -0.42 4.58
CA ILE A 161 -23.43 0.41 4.00
C ILE A 161 -22.95 -0.24 2.69
N TYR A 162 -22.68 -1.56 2.65
CA TYR A 162 -22.06 -2.29 1.49
C TYR A 162 -22.94 -3.42 0.94
N GLN A 163 -22.87 -3.68 -0.37
CA GLN A 163 -23.59 -4.80 -1.05
C GLN A 163 -22.72 -5.39 -2.17
N PHE A 164 -22.37 -6.68 -2.04
CA PHE A 164 -21.62 -7.49 -3.04
C PHE A 164 -22.29 -8.86 -3.15
N LYS A 165 -23.04 -9.11 -4.22
CA LYS A 165 -23.59 -10.44 -4.62
C LYS A 165 -22.64 -11.07 -5.65
N GLY A 166 -21.84 -12.03 -5.20
CA GLY A 166 -21.21 -13.08 -6.03
C GLY A 166 -19.90 -12.65 -6.68
N VAL A 167 -18.86 -12.41 -5.88
CA VAL A 167 -17.58 -11.79 -6.34
C VAL A 167 -16.43 -12.75 -6.02
N SER A 168 -15.85 -13.40 -7.02
CA SER A 168 -14.80 -14.42 -6.78
C SER A 168 -13.79 -13.93 -5.75
N THR A 169 -13.34 -14.84 -4.90
CA THR A 169 -12.35 -14.59 -3.85
C THR A 169 -10.95 -14.96 -4.35
N GLU A 170 -10.84 -15.58 -5.53
CA GLU A 170 -9.54 -16.01 -6.13
C GLU A 170 -8.51 -14.88 -6.06
N PRO A 171 -8.84 -13.60 -6.41
CA PRO A 171 -7.84 -12.53 -6.35
C PRO A 171 -7.26 -12.26 -4.94
N ALA A 172 -8.10 -12.51 -3.91
CA ALA A 172 -8.05 -12.08 -2.47
C ALA A 172 -7.81 -13.24 -1.50
N ARG A 173 -7.45 -14.42 -2.00
CA ARG A 173 -7.12 -15.59 -1.15
C ARG A 173 -5.82 -15.31 -0.41
N PRO A 174 -5.83 -15.42 0.93
CA PRO A 174 -4.63 -15.18 1.74
C PRO A 174 -3.72 -16.42 1.91
N TYR A 175 -2.47 -16.17 2.27
CA TYR A 175 -1.47 -17.19 2.67
C TYR A 175 -2.02 -18.04 3.83
N GLN A 176 -2.48 -17.37 4.89
CA GLN A 176 -3.02 -17.98 6.15
C GLN A 176 -4.32 -18.76 5.87
N LEU A 177 -4.61 -19.74 6.74
CA LEU A 177 -5.76 -20.67 6.64
C LEU A 177 -6.70 -20.44 7.81
N ASN A 178 -7.65 -21.34 8.02
CA ASN A 178 -8.32 -21.56 9.32
C ASN A 178 -8.93 -20.24 9.79
N GLY A 179 -9.61 -19.53 8.90
CA GLY A 179 -10.33 -18.29 9.23
C GLY A 179 -9.58 -17.05 8.79
N GLY A 180 -8.30 -17.20 8.38
CA GLY A 180 -7.49 -16.14 7.74
C GLY A 180 -6.48 -15.54 8.71
N PRO A 181 -6.04 -14.27 8.52
CA PRO A 181 -5.16 -13.63 9.49
C PRO A 181 -5.89 -13.30 10.80
N LEU A 182 -5.10 -12.93 11.81
CA LEU A 182 -5.61 -12.61 13.15
C LEU A 182 -5.91 -11.10 13.23
N LEU A 183 -6.95 -10.74 13.98
CA LEU A 183 -7.41 -9.35 14.21
C LEU A 183 -7.14 -8.93 15.66
N TYR A 184 -6.14 -8.07 15.87
CA TYR A 184 -5.85 -7.44 17.18
C TYR A 184 -6.53 -6.08 17.20
N PHE A 185 -7.58 -5.91 17.99
CA PHE A 185 -8.18 -4.57 18.22
C PHE A 185 -8.95 -4.57 19.53
N GLY A 186 -9.19 -3.37 20.07
CA GLY A 186 -9.88 -3.18 21.35
C GLY A 186 -11.19 -2.44 21.19
N GLY A 187 -11.36 -1.40 22.00
CA GLY A 187 -12.60 -0.62 22.18
C GLY A 187 -13.22 -0.82 23.56
N TYR A 188 -13.74 0.24 24.17
CA TYR A 188 -14.37 0.20 25.52
C TYR A 188 -15.88 0.51 25.35
N SER A 189 -16.26 1.49 24.51
CA SER A 189 -17.65 1.79 24.12
C SER A 189 -18.41 0.50 23.78
N PRO A 190 -19.71 0.43 24.11
CA PRO A 190 -20.54 -0.74 23.80
C PRO A 190 -20.33 -1.33 22.40
N ASP A 191 -20.47 -0.46 21.39
CA ASP A 191 -20.34 -0.79 19.96
C ASP A 191 -18.99 -1.47 19.75
N ALA A 192 -17.91 -0.92 20.31
CA ALA A 192 -16.53 -1.38 20.09
C ALA A 192 -16.26 -2.72 20.78
N LEU A 193 -17.00 -3.00 21.86
CA LEU A 193 -16.96 -4.32 22.53
C LEU A 193 -17.68 -5.30 21.60
N GLU A 194 -18.92 -4.99 21.29
CA GLU A 194 -19.78 -5.89 20.50
C GLU A 194 -18.94 -6.44 19.35
N LEU A 195 -18.14 -5.55 18.74
CA LEU A 195 -17.25 -5.86 17.59
C LEU A 195 -16.08 -6.72 18.06
N CYS A 196 -15.30 -6.22 19.03
CA CYS A 196 -14.15 -6.95 19.66
C CYS A 196 -14.70 -8.33 20.08
N GLY A 197 -15.96 -8.39 20.56
CA GLY A 197 -16.70 -9.60 20.95
C GLY A 197 -16.99 -10.53 19.77
N ALA A 198 -17.67 -10.04 18.74
CA ALA A 198 -18.06 -10.85 17.56
C ALA A 198 -16.83 -11.20 16.69
N GLN A 199 -15.77 -10.37 16.65
CA GLN A 199 -14.73 -10.42 15.59
C GLN A 199 -13.28 -10.29 16.11
N CYS A 200 -12.96 -9.71 17.29
CA CYS A 200 -11.56 -9.68 17.85
C CYS A 200 -11.08 -11.14 17.89
N ASP A 201 -9.88 -11.41 17.42
CA ASP A 201 -9.13 -12.65 17.73
C ASP A 201 -8.34 -12.33 19.01
N VAL A 202 -7.63 -11.20 18.98
CA VAL A 202 -7.03 -10.54 20.19
C VAL A 202 -7.88 -9.30 20.51
N TYR A 203 -7.86 -8.90 21.79
CA TYR A 203 -8.52 -7.69 22.34
C TYR A 203 -7.42 -6.90 23.02
N LEU A 204 -7.16 -5.66 22.56
CA LEU A 204 -6.05 -4.82 23.11
C LEU A 204 -6.57 -3.90 24.23
N MET A 205 -5.76 -3.78 25.28
CA MET A 205 -6.07 -2.94 26.46
C MET A 205 -4.94 -1.93 26.65
N TRP A 206 -5.35 -0.68 26.74
CA TRP A 206 -4.47 0.45 27.14
C TRP A 206 -4.28 0.31 28.64
N PRO A 207 -3.19 0.88 29.22
CA PRO A 207 -2.73 0.49 30.56
C PRO A 207 -3.59 1.08 31.69
N GLU A 208 -3.80 0.26 32.73
CA GLU A 208 -4.64 0.54 33.92
C GLU A 208 -4.12 -0.29 35.11
N THR A 209 -4.75 -0.03 36.26
CA THR A 209 -4.64 -0.77 37.53
C THR A 209 -4.92 -2.25 37.22
N LYS A 210 -4.02 -3.17 37.59
CA LYS A 210 -4.15 -4.65 37.37
C LYS A 210 -5.62 -5.07 37.59
N ASP A 211 -6.35 -4.43 38.51
CA ASP A 211 -7.76 -4.78 38.84
C ASP A 211 -8.70 -4.17 37.79
N GLN A 212 -8.56 -2.88 37.45
CA GLN A 212 -9.37 -2.19 36.41
C GLN A 212 -9.32 -3.06 35.14
N LEU A 213 -8.13 -3.61 34.82
CA LEU A 213 -7.91 -4.46 33.62
C LEU A 213 -8.84 -5.66 33.67
N ALA A 214 -8.83 -6.37 34.79
CA ALA A 214 -9.70 -7.55 35.04
C ALA A 214 -11.12 -7.20 34.61
N ASP A 215 -11.63 -6.03 35.04
CA ASP A 215 -13.03 -5.59 34.75
C ASP A 215 -13.23 -5.51 33.24
N ARG A 216 -12.30 -4.87 32.54
CA ARG A 216 -12.30 -4.80 31.05
C ARG A 216 -12.35 -6.23 30.51
N MET A 217 -11.44 -7.07 30.99
CA MET A 217 -11.26 -8.47 30.53
C MET A 217 -12.61 -9.22 30.66
N ARG A 218 -13.32 -9.00 31.75
CA ARG A 218 -14.64 -9.63 31.99
C ARG A 218 -15.63 -9.07 30.97
N ALA A 219 -15.82 -7.74 30.98
CA ALA A 219 -16.75 -6.98 30.12
C ALA A 219 -16.61 -7.39 28.65
N ALA A 220 -15.36 -7.61 28.20
CA ALA A 220 -15.00 -8.13 26.85
C ALA A 220 -15.54 -9.55 26.73
N HIS A 221 -15.00 -10.48 27.52
CA HIS A 221 -15.38 -11.92 27.52
C HIS A 221 -16.92 -12.10 27.51
N GLU A 222 -17.68 -11.31 28.27
CA GLU A 222 -19.17 -11.39 28.28
C GLU A 222 -19.70 -11.31 26.85
N ARG A 223 -19.24 -10.32 26.07
CA ARG A 223 -19.66 -10.11 24.65
C ARG A 223 -19.15 -11.26 23.77
N ALA A 224 -17.93 -11.75 24.02
CA ALA A 224 -17.29 -12.80 23.20
C ALA A 224 -18.07 -14.11 23.37
N ALA A 225 -18.37 -14.45 24.63
CA ALA A 225 -19.05 -15.69 25.05
C ALA A 225 -20.48 -15.71 24.51
N ALA A 226 -21.10 -14.54 24.37
CA ALA A 226 -22.46 -14.37 23.81
C ALA A 226 -22.49 -14.82 22.35
N HIS A 227 -21.34 -14.74 21.67
CA HIS A 227 -21.11 -15.21 20.28
C HIS A 227 -20.46 -16.59 20.32
N GLY A 228 -20.30 -17.18 21.51
CA GLY A 228 -19.70 -18.51 21.69
C GLY A 228 -18.23 -18.52 21.30
N ARG A 229 -17.52 -17.47 21.68
CA ARG A 229 -16.08 -17.32 21.36
C ARG A 229 -15.31 -16.98 22.64
N THR A 230 -14.03 -17.35 22.65
CA THR A 230 -13.02 -16.95 23.64
C THR A 230 -12.12 -15.93 22.94
N LEU A 231 -11.70 -14.88 23.63
CA LEU A 231 -10.69 -13.95 23.08
C LEU A 231 -9.33 -14.32 23.66
N ASP A 232 -8.27 -13.82 23.06
CA ASP A 232 -6.98 -13.58 23.75
C ASP A 232 -6.91 -12.10 24.13
N TYR A 233 -5.97 -11.78 25.01
CA TYR A 233 -5.91 -10.43 25.61
C TYR A 233 -4.47 -9.92 25.52
N GLY A 234 -4.34 -8.64 25.12
CA GLY A 234 -3.08 -7.93 24.83
C GLY A 234 -3.04 -6.55 25.49
N LEU A 235 -1.85 -6.14 25.94
CA LEU A 235 -1.66 -4.84 26.63
C LEU A 235 -0.75 -3.92 25.79
N ARG A 236 -1.30 -2.78 25.41
CA ARG A 236 -0.51 -1.59 25.01
C ARG A 236 0.07 -1.03 26.30
N VAL A 237 1.40 -0.91 26.40
CA VAL A 237 2.03 -0.01 27.40
C VAL A 237 3.37 0.54 26.87
N HIS A 238 3.78 1.71 27.38
CA HIS A 238 5.10 2.32 27.14
C HIS A 238 6.15 1.58 27.97
N MET A 239 7.42 1.95 27.85
CA MET A 239 8.51 1.23 28.55
C MET A 239 9.68 2.16 28.88
N VAL A 240 10.14 2.06 30.13
CA VAL A 240 11.45 2.59 30.59
C VAL A 240 12.05 1.54 31.50
N VAL A 241 13.06 0.83 31.05
CA VAL A 241 13.62 -0.33 31.80
C VAL A 241 15.14 -0.22 31.80
N ARG A 242 15.75 -0.41 32.97
CA ARG A 242 17.21 -0.19 33.23
C ARG A 242 17.67 -1.24 34.24
N ASP A 243 18.96 -1.24 34.60
CA ASP A 243 19.56 -2.19 35.59
C ASP A 243 19.02 -1.86 36.99
N THR A 244 18.92 -0.56 37.29
CA THR A 244 18.57 0.03 38.60
C THR A 244 17.26 0.79 38.44
N GLU A 245 16.38 0.74 39.45
CA GLU A 245 15.09 1.49 39.41
C GLU A 245 15.34 3.02 39.46
N GLN A 246 16.23 3.54 40.31
CA GLN A 246 16.45 5.02 40.47
C GLN A 246 17.14 5.56 39.21
N GLU A 247 17.44 4.70 38.22
CA GLU A 247 17.92 5.07 36.85
C GLU A 247 16.71 5.30 35.93
N ALA A 248 15.71 4.42 36.06
CA ALA A 248 14.44 4.43 35.29
C ALA A 248 13.56 5.61 35.73
N ARG A 249 13.35 5.80 37.03
CA ARG A 249 12.55 6.93 37.55
C ARG A 249 13.18 8.23 37.03
N GLU A 250 14.52 8.23 36.90
CA GLU A 250 15.36 9.39 36.49
C GLU A 250 15.03 9.73 35.05
N TYR A 251 15.28 8.79 34.13
CA TYR A 251 15.01 8.93 32.67
C TYR A 251 13.56 9.39 32.47
N ALA A 252 12.61 8.69 33.13
CA ALA A 252 11.16 8.98 33.08
C ALA A 252 10.94 10.47 33.33
N ASP A 253 11.47 11.02 34.43
CA ASP A 253 11.32 12.46 34.80
C ASP A 253 12.05 13.31 33.74
N HIS A 254 13.03 12.74 33.03
CA HIS A 254 13.79 13.41 31.94
C HIS A 254 12.93 13.50 30.67
N LEU A 255 12.06 12.52 30.40
CA LEU A 255 11.20 12.43 29.16
C LEU A 255 10.16 13.55 29.13
N VAL A 256 9.52 13.79 30.27
CA VAL A 256 8.44 14.80 30.39
C VAL A 256 9.05 16.18 30.69
N SER A 257 10.34 16.21 31.03
CA SER A 257 11.07 17.41 31.53
C SER A 257 10.73 18.67 30.71
N LYS A 258 10.70 18.61 29.39
CA LYS A 258 10.50 19.82 28.54
C LYS A 258 8.99 20.02 28.28
N LEU A 259 8.14 19.00 28.47
CA LEU A 259 6.65 19.04 28.20
C LEU A 259 6.05 20.25 28.96
N ASP A 260 5.56 21.27 28.25
CA ASP A 260 5.06 22.56 28.83
C ASP A 260 3.67 22.39 29.49
N ASP A 261 3.48 21.35 30.34
CA ASP A 261 2.19 20.93 31.01
C ASP A 261 1.79 21.95 32.10
N GLU A 262 0.52 21.94 32.57
CA GLU A 262 0.04 22.71 33.76
C GLU A 262 0.96 22.35 34.94
N TYR A 263 1.44 21.10 34.99
CA TYR A 263 2.35 20.51 36.02
C TYR A 263 3.74 21.19 35.98
N GLY A 264 4.21 21.68 34.84
CA GLY A 264 5.44 22.51 34.75
C GLY A 264 5.29 23.78 35.57
N GLN A 265 5.46 23.66 36.90
CA GLN A 265 5.32 24.73 37.92
C GLN A 265 6.59 24.71 38.78
N HIS A 281 6.07 33.56 44.94
CA HIS A 281 6.07 33.18 46.38
C HIS A 281 4.73 33.55 47.06
N GLN A 282 3.59 33.04 46.58
CA GLN A 282 2.29 32.94 47.31
C GLN A 282 1.81 31.46 47.28
N ALA A 283 2.76 30.52 47.32
CA ALA A 283 2.65 29.04 47.53
C ALA A 283 1.31 28.46 47.02
N ARG A 284 1.00 28.57 45.71
CA ARG A 284 -0.21 27.99 45.05
C ARG A 284 0.19 26.72 44.26
N ALA A 285 0.33 25.58 44.95
CA ALA A 285 0.76 24.24 44.46
C ALA A 285 -0.42 23.25 44.44
N ARG A 286 -0.87 22.81 43.25
CA ARG A 286 -1.94 21.77 43.05
C ARG A 286 -1.32 20.37 43.08
N GLU A 287 -2.10 19.37 43.54
CA GLU A 287 -1.73 17.92 43.57
C GLU A 287 -2.30 17.23 42.32
N LEU A 288 -1.75 17.62 41.15
CA LEU A 288 -1.94 16.93 39.84
C LEU A 288 -1.07 15.68 39.80
N ALA A 289 -0.14 15.46 40.76
CA ALA A 289 0.64 14.20 40.92
C ALA A 289 -0.23 13.11 41.56
N ASP A 290 -1.40 13.49 42.11
CA ASP A 290 -2.56 12.60 42.34
C ASP A 290 -2.88 11.95 40.98
N LYS A 291 -3.05 12.76 39.92
CA LYS A 291 -3.52 12.32 38.57
C LYS A 291 -2.37 11.68 37.76
N PHE A 292 -1.09 12.07 38.01
CA PHE A 292 0.09 11.78 37.14
C PHE A 292 1.27 11.26 37.98
N GLY A 293 1.05 10.26 38.85
CA GLY A 293 2.06 9.52 39.65
C GLY A 293 1.93 8.02 39.44
N TYR A 294 2.52 7.18 40.29
CA TYR A 294 2.61 5.70 40.12
C TYR A 294 1.31 5.02 40.60
N VAL A 295 0.30 4.85 39.75
CA VAL A 295 -0.99 4.17 40.09
C VAL A 295 -0.71 2.75 40.64
N GLU A 296 0.40 2.10 40.22
CA GLU A 296 0.87 0.80 40.80
C GLU A 296 2.36 0.90 41.13
N PRO A 297 2.96 -0.12 41.78
CA PRO A 297 4.41 -0.26 41.91
C PRO A 297 5.26 0.30 40.77
N ASN A 298 5.03 -0.20 39.55
CA ASN A 298 5.91 0.06 38.38
C ASN A 298 5.13 0.68 37.22
N LEU A 299 3.91 1.17 37.45
CA LEU A 299 3.05 1.69 36.35
C LEU A 299 2.91 3.19 36.51
N TRP A 300 3.74 3.93 35.78
CA TRP A 300 3.87 5.40 35.88
C TRP A 300 2.93 6.07 34.89
N THR A 301 1.89 6.74 35.39
CA THR A 301 0.87 7.45 34.56
C THR A 301 1.37 8.86 34.21
N GLY A 302 2.60 9.20 34.61
CA GLY A 302 3.18 10.54 34.37
C GLY A 302 3.33 10.83 32.89
N ILE A 303 3.71 9.81 32.12
CA ILE A 303 3.89 9.90 30.64
C ILE A 303 2.61 10.45 30.00
N GLY A 304 1.45 10.20 30.64
CA GLY A 304 0.11 10.66 30.23
C GLY A 304 0.00 12.18 30.09
N ARG A 305 0.91 12.92 30.74
CA ARG A 305 1.05 14.39 30.53
C ARG A 305 1.23 14.67 29.03
N ALA A 306 1.93 13.79 28.31
CA ALA A 306 2.31 13.94 26.89
C ALA A 306 1.10 13.77 25.95
N ARG A 307 -0.13 13.74 26.49
CA ARG A 307 -1.39 13.28 25.82
C ARG A 307 -1.02 12.49 24.54
N SER A 308 -0.05 11.56 24.62
CA SER A 308 0.11 10.41 23.69
C SER A 308 -0.97 9.39 24.08
N GLY A 309 -1.36 8.55 23.13
CA GLY A 309 -2.53 7.65 23.27
C GLY A 309 -2.41 6.76 24.50
N CYS A 310 -1.30 6.03 24.57
CA CYS A 310 -0.84 5.25 25.74
C CYS A 310 -0.44 6.22 26.85
N GLY A 311 -1.23 6.25 27.93
CA GLY A 311 -1.12 7.24 29.02
C GLY A 311 -0.32 6.75 30.23
N ALA A 312 0.32 5.58 30.13
CA ALA A 312 1.09 4.92 31.23
C ALA A 312 2.26 4.13 30.66
N ALA A 313 3.29 3.91 31.49
CA ALA A 313 4.53 3.21 31.11
C ALA A 313 4.97 2.26 32.23
N LEU A 314 5.41 1.05 31.89
CA LEU A 314 6.24 0.23 32.81
C LEU A 314 7.56 0.95 33.03
N VAL A 315 7.91 1.21 34.29
CA VAL A 315 9.16 1.91 34.71
C VAL A 315 9.75 1.11 35.87
N GLY A 316 10.98 0.63 35.71
CA GLY A 316 11.64 -0.14 36.77
C GLY A 316 12.90 -0.81 36.29
N SER A 317 13.64 -1.38 37.24
CA SER A 317 14.75 -2.33 37.02
C SER A 317 14.30 -3.41 36.03
N THR A 318 15.25 -4.02 35.35
CA THR A 318 15.06 -5.22 34.50
C THR A 318 14.05 -6.13 35.19
N ASP A 319 14.40 -6.56 36.41
CA ASP A 319 13.68 -7.65 37.13
C ASP A 319 12.28 -7.19 37.53
N GLN A 320 12.11 -5.92 37.86
CA GLN A 320 10.77 -5.37 38.17
C GLN A 320 9.87 -5.53 36.95
N VAL A 321 10.34 -5.04 35.79
CA VAL A 321 9.55 -5.06 34.54
C VAL A 321 9.18 -6.52 34.26
N LEU A 322 10.18 -7.40 34.26
CA LEU A 322 10.00 -8.84 33.93
C LEU A 322 8.89 -9.43 34.80
N SER A 323 8.91 -9.12 36.10
CA SER A 323 7.90 -9.59 37.10
C SER A 323 6.51 -9.07 36.73
N ALA A 324 6.41 -7.78 36.42
CA ALA A 324 5.14 -7.09 36.08
C ALA A 324 4.47 -7.80 34.89
N LEU A 325 5.27 -8.09 33.87
CA LEU A 325 4.82 -8.78 32.63
C LEU A 325 4.42 -10.21 32.99
N GLU A 326 5.18 -10.85 33.88
CA GLU A 326 4.89 -12.21 34.37
C GLU A 326 3.56 -12.22 35.16
N GLU A 327 3.25 -11.13 35.87
CA GLU A 327 1.95 -10.91 36.61
C GLU A 327 0.83 -10.77 35.55
N TYR A 328 0.94 -9.76 34.69
CA TYR A 328 0.03 -9.50 33.56
C TYR A 328 -0.25 -10.84 32.86
N GLN A 329 0.78 -11.67 32.65
CA GLN A 329 0.70 -13.00 31.98
C GLN A 329 -0.17 -13.95 32.83
N LYS A 330 0.07 -14.04 34.14
CA LYS A 330 -0.72 -14.90 35.07
C LYS A 330 -2.22 -14.64 34.83
N MET A 331 -2.63 -13.37 34.74
CA MET A 331 -4.02 -12.90 34.53
C MET A 331 -4.65 -13.49 33.26
N GLY A 332 -3.84 -13.58 32.19
CA GLY A 332 -4.21 -14.15 30.87
C GLY A 332 -3.81 -13.29 29.68
N ILE A 333 -3.28 -12.08 29.94
CA ILE A 333 -2.76 -11.15 28.89
C ILE A 333 -1.58 -11.85 28.18
N ARG A 334 -1.80 -12.32 26.95
CA ARG A 334 -0.85 -13.18 26.17
C ARG A 334 -0.08 -12.37 25.15
N ALA A 335 -0.34 -11.08 25.01
CA ALA A 335 0.35 -10.18 24.07
C ALA A 335 0.63 -8.83 24.73
N PHE A 336 1.76 -8.23 24.35
CA PHE A 336 2.24 -6.91 24.84
C PHE A 336 2.69 -6.09 23.65
N ILE A 337 2.27 -4.83 23.61
CA ILE A 337 2.62 -3.90 22.50
C ILE A 337 3.35 -2.69 23.08
N LEU A 338 4.68 -2.82 23.11
CA LEU A 338 5.61 -1.97 23.90
C LEU A 338 6.16 -0.87 23.01
N SER A 339 6.64 0.22 23.61
CA SER A 339 7.00 1.47 22.91
C SER A 339 7.68 2.42 23.86
N GLY A 340 8.91 2.80 23.54
CA GLY A 340 9.72 3.69 24.41
C GLY A 340 9.98 5.02 23.74
N TYR A 341 10.94 5.76 24.28
CA TYR A 341 11.44 7.02 23.69
C TYR A 341 12.94 7.06 23.94
N PRO A 342 13.77 7.33 22.90
CA PRO A 342 13.40 7.07 21.51
C PRO A 342 12.93 5.63 21.31
N HIS A 343 12.11 5.39 20.28
CA HIS A 343 11.59 4.06 19.95
C HIS A 343 12.76 3.13 19.65
N LEU A 344 13.80 3.67 19.01
CA LEU A 344 15.02 2.92 18.66
C LEU A 344 15.69 2.43 19.94
N ASP A 345 16.17 3.36 20.76
CA ASP A 345 17.09 3.11 21.91
C ASP A 345 16.38 2.22 22.93
N GLU A 346 15.11 2.52 23.24
CA GLU A 346 14.32 1.85 24.28
C GLU A 346 14.11 0.37 23.90
N ALA A 347 13.93 0.09 22.61
CA ALA A 347 13.73 -1.30 22.14
C ALA A 347 15.03 -2.05 22.39
N GLU A 348 16.16 -1.39 22.12
CA GLU A 348 17.55 -1.86 22.41
C GLU A 348 17.64 -2.31 23.88
N HIS A 349 17.26 -1.43 24.83
CA HIS A 349 17.20 -1.76 26.28
C HIS A 349 16.32 -3.00 26.45
N PHE A 350 15.00 -2.85 26.45
CA PHE A 350 14.03 -3.95 26.71
C PHE A 350 14.51 -5.21 26.00
N GLY A 351 15.04 -5.05 24.79
CA GLY A 351 15.56 -6.15 23.96
C GLY A 351 16.70 -6.92 24.62
N THR A 352 17.79 -6.23 24.99
CA THR A 352 19.02 -6.85 25.57
C THR A 352 18.73 -7.35 27.00
N LYS A 353 17.74 -6.76 27.70
CA LYS A 353 17.51 -6.86 29.16
C LYS A 353 16.41 -7.86 29.52
N VAL A 354 15.19 -7.64 29.01
CA VAL A 354 13.94 -8.33 29.45
C VAL A 354 13.55 -9.42 28.45
N LEU A 355 13.62 -9.08 27.17
CA LEU A 355 13.17 -9.99 26.08
C LEU A 355 13.82 -11.35 26.27
N PRO A 356 15.16 -11.46 26.40
CA PRO A 356 15.81 -12.78 26.32
C PRO A 356 15.21 -13.70 27.39
N GLN A 357 14.75 -13.09 28.48
CA GLN A 357 14.33 -13.79 29.73
C GLN A 357 12.84 -14.17 29.66
N MET A 358 12.12 -13.88 28.57
CA MET A 358 10.71 -14.33 28.40
C MET A 358 10.70 -15.48 27.40
N LYS A 359 9.75 -16.42 27.55
CA LYS A 359 9.37 -17.40 26.49
C LYS A 359 8.36 -16.66 25.62
N THR A 360 8.74 -16.34 24.36
CA THR A 360 7.92 -15.59 23.34
C THR A 360 7.29 -16.56 22.34
N CYS A 361 6.42 -16.04 21.47
CA CYS A 361 5.77 -16.81 20.38
C CYS A 361 5.22 -15.85 19.31
N SER A 362 4.70 -16.41 18.22
CA SER A 362 3.89 -15.71 17.20
C SER A 362 2.48 -16.28 17.28
N LEU A 363 1.51 -15.47 17.71
CA LEU A 363 0.11 -15.92 17.90
C LEU A 363 -0.38 -16.66 16.65
N PRO A 364 -0.14 -16.14 15.42
CA PRO A 364 -0.60 -16.81 14.20
C PRO A 364 -0.06 -18.25 14.11
N HIS A 365 1.23 -18.43 14.40
CA HIS A 365 1.93 -19.75 14.36
C HIS A 365 1.25 -20.69 15.37
N ALA A 366 0.96 -20.19 16.58
CA ALA A 366 0.28 -20.93 17.66
C ALA A 366 -1.19 -21.22 17.31
N TYR A 367 -1.99 -20.18 17.05
CA TYR A 367 -3.40 -20.27 16.61
C TYR A 367 -3.53 -21.18 15.37
N GLY A 368 -2.43 -21.43 14.64
CA GLY A 368 -2.28 -22.49 13.61
C GLY A 368 -2.60 -22.03 12.19
N ARG A 369 -2.55 -20.72 11.92
CA ARG A 369 -3.12 -20.09 10.69
C ARG A 369 -2.12 -20.13 9.55
N VAL A 370 -0.84 -19.85 9.87
CA VAL A 370 0.31 -19.90 8.92
C VAL A 370 0.62 -21.36 8.61
N PRO A 371 0.70 -21.75 7.32
CA PRO A 371 1.23 -23.06 6.93
C PRO A 371 2.76 -23.07 6.79
N SER A 372 3.36 -24.27 6.73
CA SER A 372 4.82 -24.51 6.81
C SER A 372 5.49 -24.42 5.42
N GLU A 373 4.93 -25.12 4.43
CA GLU A 373 5.28 -24.99 2.99
C GLU A 373 4.27 -24.07 2.32
N THR A 374 4.72 -23.30 1.33
CA THR A 374 3.91 -22.38 0.47
C THR A 374 2.62 -23.06 0.05
N PRO A 375 1.42 -22.49 0.34
CA PRO A 375 0.15 -23.20 0.12
C PRO A 375 -0.35 -23.17 -1.32
N ALA A 376 -1.45 -23.90 -1.54
CA ALA A 376 -2.10 -24.10 -2.86
C ALA A 376 -3.05 -22.93 -3.12
N THR A 377 -2.52 -21.71 -3.06
CA THR A 377 -3.27 -20.47 -3.36
C THR A 377 -2.99 -20.05 -4.78
N PRO A 378 -3.92 -19.27 -5.37
CA PRO A 378 -3.65 -18.46 -6.56
C PRO A 378 -2.24 -17.84 -6.68
N LEU A 379 -1.74 -17.23 -5.60
CA LEU A 379 -0.45 -16.47 -5.62
C LEU A 379 0.69 -17.36 -5.12
N GLY A 380 0.39 -18.65 -4.89
CA GLY A 380 1.27 -19.60 -4.19
C GLY A 380 1.70 -20.75 -5.07
N ASN A 381 1.07 -21.91 -4.88
CA ASN A 381 1.37 -23.21 -5.55
C ASN A 381 0.07 -23.79 -6.14
N GLY A 382 -0.93 -22.96 -6.47
CA GLY A 382 -2.28 -23.41 -6.87
C GLY A 382 -2.46 -23.51 -8.38
N GLU A 383 -3.48 -24.22 -8.87
CA GLU A 383 -3.78 -24.31 -10.33
C GLU A 383 -4.26 -22.92 -10.78
N ARG A 384 -3.52 -22.29 -11.71
CA ARG A 384 -3.86 -21.01 -12.40
C ARG A 384 -4.97 -21.28 -13.42
N HIS A 385 -6.13 -20.62 -13.32
CA HIS A 385 -7.32 -20.91 -14.17
C HIS A 385 -7.58 -19.76 -15.16
N LEU A 386 -7.88 -20.06 -16.44
CA LEU A 386 -8.08 -19.02 -17.50
C LEU A 386 -8.92 -17.87 -16.91
N GLU A 387 -8.53 -16.63 -17.19
CA GLU A 387 -8.86 -15.41 -16.41
C GLU A 387 -10.32 -14.99 -16.67
N MET B 1 6.06 19.59 -38.70
CA MET B 1 6.86 19.17 -37.51
C MET B 1 6.16 17.96 -36.86
N THR B 2 5.91 18.05 -35.56
CA THR B 2 5.14 17.07 -34.75
C THR B 2 3.65 17.24 -35.08
N VAL B 3 2.85 16.19 -34.95
CA VAL B 3 1.41 16.20 -35.35
C VAL B 3 0.70 17.40 -34.73
N VAL B 4 1.02 17.70 -33.47
CA VAL B 4 0.47 18.82 -32.64
C VAL B 4 1.63 19.33 -31.77
N PRO B 5 1.53 20.49 -31.10
CA PRO B 5 2.58 20.89 -30.15
C PRO B 5 2.61 19.88 -28.99
N VAL B 6 3.82 19.44 -28.61
CA VAL B 6 4.03 18.47 -27.49
C VAL B 6 4.88 19.17 -26.42
N THR B 7 4.55 18.97 -25.16
CA THR B 7 5.15 19.67 -24.01
C THR B 7 6.67 19.48 -24.04
N SER B 8 7.15 18.26 -24.34
CA SER B 8 8.59 17.88 -24.49
C SER B 8 9.02 18.01 -25.95
N ALA B 9 8.90 19.21 -26.52
CA ALA B 9 9.21 19.50 -27.95
C ALA B 9 10.70 19.26 -28.19
N ASP B 10 11.53 20.09 -27.53
CA ASP B 10 12.99 20.15 -27.75
C ASP B 10 13.67 18.85 -27.29
N LEU B 11 12.92 17.85 -26.80
CA LEU B 11 13.51 16.62 -26.19
C LEU B 11 13.90 15.64 -27.30
N ASP B 12 15.20 15.35 -27.43
CA ASP B 12 15.80 14.46 -28.48
C ASP B 12 15.93 13.03 -27.91
N ALA B 13 14.84 12.51 -27.33
CA ALA B 13 14.75 11.20 -26.64
C ALA B 13 13.28 10.85 -26.34
N ALA B 14 13.07 9.74 -25.63
CA ALA B 14 11.72 9.25 -25.24
C ALA B 14 11.80 8.27 -24.05
N GLU B 15 10.73 8.17 -23.27
CA GLU B 15 10.64 7.26 -22.09
C GLU B 15 10.17 5.90 -22.58
N VAL B 16 11.07 4.92 -22.62
CA VAL B 16 10.81 3.55 -23.13
C VAL B 16 10.55 2.62 -21.95
N SER B 17 9.29 2.30 -21.74
CA SER B 17 8.76 1.67 -20.50
C SER B 17 8.44 0.20 -20.78
N TRP B 18 8.44 -0.64 -19.75
CA TRP B 18 7.95 -2.04 -19.83
C TRP B 18 6.62 -2.18 -19.06
N PHE B 19 6.31 -3.40 -18.59
CA PHE B 19 5.00 -3.80 -18.04
C PHE B 19 5.18 -4.92 -16.99
N SER B 20 4.78 -4.64 -15.75
CA SER B 20 4.96 -5.49 -14.56
C SER B 20 4.04 -6.71 -14.65
N ALA B 21 2.90 -6.58 -15.33
CA ALA B 21 1.89 -7.64 -15.48
C ALA B 21 1.56 -8.18 -14.09
N LEU B 22 0.79 -7.40 -13.35
CA LEU B 22 0.36 -7.67 -11.96
C LEU B 22 -1.03 -8.31 -11.94
N CYS B 23 -1.68 -8.50 -13.09
CA CYS B 23 -3.11 -8.86 -13.18
C CYS B 23 -3.24 -10.18 -13.94
N SER B 24 -2.49 -11.18 -13.46
CA SER B 24 -2.17 -12.48 -14.13
C SER B 24 -2.18 -12.28 -15.65
N ASP B 25 -1.33 -11.36 -16.13
CA ASP B 25 -1.30 -10.87 -17.54
C ASP B 25 -0.16 -11.58 -18.28
N ASP B 26 0.72 -12.34 -17.62
CA ASP B 26 1.91 -12.97 -18.26
C ASP B 26 1.58 -14.39 -18.73
N TYR B 27 2.06 -14.75 -19.92
CA TYR B 27 1.76 -16.03 -20.61
C TYR B 27 2.90 -16.50 -21.51
N ALA B 28 2.94 -17.82 -21.70
CA ALA B 28 3.83 -18.58 -22.60
C ALA B 28 3.17 -18.70 -23.98
N TYR B 29 1.94 -19.22 -24.04
CA TYR B 29 1.00 -19.18 -25.21
C TYR B 29 -0.24 -18.39 -24.76
N LEU B 30 -0.63 -17.30 -25.44
CA LEU B 30 -1.79 -16.45 -25.04
C LEU B 30 -3.07 -17.32 -25.01
N GLY B 31 -3.88 -17.24 -23.95
CA GLY B 31 -5.03 -18.14 -23.68
C GLY B 31 -4.64 -19.37 -22.85
N VAL B 32 -3.34 -19.62 -22.66
CA VAL B 32 -2.81 -20.81 -21.93
C VAL B 32 -2.27 -20.42 -20.56
N PRO B 33 -3.01 -20.80 -19.49
CA PRO B 33 -2.53 -20.60 -18.12
C PRO B 33 -1.21 -21.34 -17.87
N ASP B 34 -0.13 -20.62 -17.58
CA ASP B 34 1.23 -21.18 -17.32
C ASP B 34 1.63 -20.87 -15.88
N GLY B 35 1.65 -21.89 -15.02
CA GLY B 35 1.95 -21.78 -13.58
C GLY B 35 3.22 -21.01 -13.32
N SER B 36 4.29 -21.27 -14.08
CA SER B 36 5.59 -20.57 -13.95
C SER B 36 5.33 -19.06 -13.75
N LEU B 37 4.41 -18.46 -14.51
CA LEU B 37 4.32 -16.99 -14.79
C LEU B 37 3.11 -16.32 -14.12
N ARG B 38 2.57 -16.90 -13.04
CA ARG B 38 1.51 -16.23 -12.21
C ARG B 38 2.01 -14.83 -11.83
N SER B 39 1.09 -13.91 -11.56
CA SER B 39 1.46 -12.53 -11.16
C SER B 39 1.77 -12.47 -9.65
N SER B 40 2.81 -13.18 -9.18
CA SER B 40 3.25 -13.23 -7.75
C SER B 40 4.31 -12.15 -7.53
N PHE B 41 4.63 -11.79 -6.28
CA PHE B 41 5.69 -10.80 -6.02
C PHE B 41 7.04 -11.31 -6.55
N GLU B 42 7.47 -12.53 -6.18
CA GLU B 42 8.79 -13.09 -6.63
C GLU B 42 8.92 -12.65 -8.11
N HIS B 43 7.99 -13.10 -8.94
CA HIS B 43 8.02 -12.99 -10.43
C HIS B 43 7.97 -11.52 -10.85
N CYS B 44 6.85 -10.87 -10.58
CA CYS B 44 6.53 -9.53 -11.10
C CYS B 44 7.69 -8.58 -10.75
N SER B 45 8.29 -8.72 -9.56
CA SER B 45 9.46 -7.92 -9.15
C SER B 45 10.65 -8.28 -10.04
N ASP B 46 10.86 -9.57 -10.30
CA ASP B 46 11.93 -10.06 -11.23
C ASP B 46 11.90 -9.25 -12.52
N ILE B 47 10.70 -9.03 -13.06
CA ILE B 47 10.45 -8.18 -14.26
C ILE B 47 11.04 -6.79 -14.01
N VAL B 48 10.54 -6.10 -12.99
CA VAL B 48 11.01 -4.73 -12.64
C VAL B 48 12.54 -4.77 -12.52
N LYS B 49 13.04 -5.76 -11.78
CA LYS B 49 14.49 -5.99 -11.52
C LYS B 49 15.18 -6.10 -12.91
N LYS B 50 14.74 -7.03 -13.79
CA LYS B 50 15.35 -7.27 -15.14
C LYS B 50 15.10 -6.03 -16.02
N ALA B 51 13.94 -5.41 -15.91
CA ALA B 51 13.51 -4.23 -16.71
C ALA B 51 14.45 -3.06 -16.41
N GLU B 52 14.69 -2.80 -15.12
CA GLU B 52 15.68 -1.80 -14.67
C GLU B 52 17.09 -2.25 -15.12
N GLU B 53 17.43 -3.54 -14.94
CA GLU B 53 18.75 -4.14 -15.30
C GLU B 53 19.06 -3.75 -16.76
N LEU B 54 18.06 -3.76 -17.65
CA LEU B 54 18.20 -3.56 -19.12
C LEU B 54 18.08 -2.08 -19.54
N GLY B 55 17.53 -1.17 -18.72
CA GLY B 55 17.65 0.29 -18.95
C GLY B 55 16.36 0.92 -19.43
N PHE B 56 15.26 0.16 -19.37
CA PHE B 56 13.87 0.70 -19.37
C PHE B 56 13.76 1.74 -18.26
N ARG B 57 13.19 2.90 -18.56
CA ARG B 57 13.20 4.14 -17.71
C ARG B 57 11.86 4.31 -17.00
N ASN B 58 10.90 3.42 -17.23
CA ASN B 58 9.61 3.35 -16.49
C ASN B 58 9.02 1.95 -16.71
N ILE B 59 8.09 1.52 -15.85
CA ILE B 59 7.32 0.25 -16.02
C ILE B 59 5.88 0.48 -15.55
N LEU B 60 4.93 0.16 -16.42
CA LEU B 60 3.50 0.30 -16.05
C LEU B 60 3.16 -0.80 -15.06
N CYS B 61 2.37 -0.43 -14.06
CA CYS B 61 1.89 -1.32 -13.00
C CYS B 61 0.38 -1.26 -12.99
N PRO B 62 -0.27 -2.26 -13.61
CA PRO B 62 -1.72 -2.25 -13.77
C PRO B 62 -2.46 -2.61 -12.48
N SER B 63 -3.76 -2.37 -12.48
CA SER B 63 -4.65 -2.42 -11.29
C SER B 63 -6.04 -2.89 -11.73
N SER B 64 -6.39 -4.13 -11.41
CA SER B 64 -7.73 -4.73 -11.65
C SER B 64 -7.97 -5.82 -10.62
N TYR B 65 -9.23 -6.23 -10.42
CA TYR B 65 -9.54 -7.34 -9.48
C TYR B 65 -9.36 -8.65 -10.25
N GLN B 66 -8.10 -9.00 -10.53
CA GLN B 66 -7.69 -10.34 -11.01
C GLN B 66 -6.63 -10.88 -10.06
N VAL B 67 -6.36 -12.19 -10.12
CA VAL B 67 -5.27 -12.86 -9.33
C VAL B 67 -3.97 -12.10 -9.60
N GLY B 68 -3.42 -11.39 -8.59
CA GLY B 68 -2.09 -10.74 -8.67
C GLY B 68 -1.89 -9.71 -7.56
N GLN B 69 -0.80 -8.92 -7.65
CA GLN B 69 -0.39 -7.93 -6.62
C GLN B 69 -1.25 -6.66 -6.77
N ASP B 70 -1.79 -6.15 -5.66
CA ASP B 70 -2.30 -4.76 -5.56
C ASP B 70 -1.12 -3.86 -5.97
N THR B 71 -1.41 -2.95 -6.88
CA THR B 71 -0.48 -1.96 -7.47
C THR B 71 0.39 -1.34 -6.38
N LEU B 72 -0.20 -0.50 -5.54
CA LEU B 72 0.53 0.42 -4.64
C LEU B 72 1.39 -0.39 -3.68
N SER B 73 0.90 -1.54 -3.23
CA SER B 73 1.67 -2.53 -2.41
C SER B 73 2.94 -2.89 -3.19
N PHE B 74 2.75 -3.40 -4.40
CA PHE B 74 3.84 -3.91 -5.25
C PHE B 74 4.89 -2.80 -5.48
N VAL B 75 4.45 -1.56 -5.76
CA VAL B 75 5.36 -0.41 -5.99
C VAL B 75 6.29 -0.27 -4.77
N ALA B 76 5.69 -0.21 -3.59
CA ALA B 76 6.38 -0.07 -2.28
C ALA B 76 7.22 -1.31 -2.02
N GLY B 77 6.73 -2.48 -2.44
CA GLY B 77 7.53 -3.72 -2.42
C GLY B 77 8.88 -3.43 -3.07
N CYS B 78 8.82 -2.88 -4.28
CA CYS B 78 9.97 -2.81 -5.21
C CYS B 78 10.84 -1.59 -4.91
N ALA B 79 10.32 -0.59 -4.19
CA ALA B 79 11.01 0.69 -3.91
C ALA B 79 12.40 0.44 -3.30
N PRO B 80 12.51 -0.35 -2.20
CA PRO B 80 13.82 -0.69 -1.65
C PRO B 80 14.77 -1.36 -2.66
N ILE B 81 14.24 -2.27 -3.48
CA ILE B 81 15.02 -3.19 -4.37
C ILE B 81 15.52 -2.43 -5.62
N SER B 82 14.85 -1.34 -6.02
CA SER B 82 15.17 -0.54 -7.24
C SER B 82 16.19 0.58 -6.93
N ASP B 83 16.89 1.08 -7.97
CA ASP B 83 17.84 2.23 -7.95
C ASP B 83 17.38 3.30 -8.96
N ARG B 84 17.23 2.93 -10.25
CA ARG B 84 17.13 3.84 -11.44
C ARG B 84 15.69 3.96 -11.99
N ILE B 85 14.91 2.87 -12.12
CA ILE B 85 13.64 2.81 -12.94
C ILE B 85 12.50 3.62 -12.29
N ASN B 86 11.75 4.38 -13.10
CA ASN B 86 10.47 5.00 -12.67
C ASN B 86 9.38 3.93 -12.59
N PHE B 87 8.34 4.17 -11.80
CA PHE B 87 7.13 3.32 -11.72
C PHE B 87 5.92 4.10 -12.23
N LEU B 88 5.04 3.43 -12.98
CA LEU B 88 3.75 3.99 -13.40
C LEU B 88 2.64 3.21 -12.70
N ALA B 89 2.08 3.82 -11.66
CA ALA B 89 1.08 3.19 -10.79
C ALA B 89 -0.31 3.49 -11.32
N ALA B 90 -1.03 2.46 -11.76
CA ALA B 90 -2.51 2.50 -11.94
C ALA B 90 -3.19 2.91 -10.62
N ILE B 91 -4.19 3.80 -10.64
CA ILE B 91 -4.93 4.21 -9.42
C ILE B 91 -6.36 4.56 -9.76
N ARG B 92 -7.29 3.68 -9.37
CA ARG B 92 -8.73 3.87 -9.60
C ARG B 92 -9.21 4.95 -8.65
N CYS B 93 -9.68 6.06 -9.20
CA CYS B 93 -10.10 7.24 -8.40
C CYS B 93 -11.38 6.91 -7.64
N GLY B 94 -11.33 7.12 -6.32
CA GLY B 94 -12.44 6.91 -5.37
C GLY B 94 -12.21 5.64 -4.58
N GLU B 95 -11.32 4.78 -5.10
CA GLU B 95 -11.09 3.39 -4.61
C GLU B 95 -10.52 3.47 -3.19
N MET B 96 -9.43 4.23 -3.01
CA MET B 96 -8.91 4.67 -1.68
C MET B 96 -9.36 6.12 -1.45
N GLN B 97 -9.61 6.46 -0.20
CA GLN B 97 -10.23 7.75 0.17
C GLN B 97 -9.26 8.84 -0.27
N PRO B 98 -9.73 9.85 -1.02
CA PRO B 98 -8.85 10.84 -1.63
C PRO B 98 -7.63 11.30 -0.80
N ILE B 99 -7.90 11.76 0.43
CA ILE B 99 -6.88 12.36 1.33
C ILE B 99 -5.87 11.25 1.63
N MET B 100 -6.35 10.06 1.98
CA MET B 100 -5.43 8.93 2.21
C MET B 100 -4.63 8.62 0.94
N LEU B 101 -5.26 8.39 -0.23
CA LEU B 101 -4.50 8.25 -1.52
C LEU B 101 -3.38 9.33 -1.51
N ALA B 102 -3.75 10.59 -1.26
CA ALA B 102 -2.83 11.76 -1.33
C ALA B 102 -1.56 11.47 -0.54
N ARG B 103 -1.75 10.86 0.63
CA ARG B 103 -0.68 10.45 1.59
C ARG B 103 0.14 9.34 0.91
N THR B 104 -0.47 8.18 0.74
CA THR B 104 0.14 7.01 0.08
C THR B 104 1.00 7.50 -1.10
N VAL B 105 0.46 8.41 -1.95
CA VAL B 105 1.19 9.02 -3.11
C VAL B 105 2.50 9.57 -2.56
N ALA B 106 2.41 10.52 -1.61
CA ALA B 106 3.58 11.11 -0.93
C ALA B 106 4.54 10.01 -0.40
N THR B 107 4.01 9.11 0.42
CA THR B 107 4.80 8.07 1.13
C THR B 107 5.72 7.36 0.14
N LEU B 108 5.09 6.81 -0.90
CA LEU B 108 5.75 6.10 -2.02
C LEU B 108 6.78 7.05 -2.62
N ASP B 109 6.33 8.27 -2.95
CA ASP B 109 7.16 9.25 -3.69
C ASP B 109 8.50 9.33 -2.96
N HIS B 110 8.45 9.48 -1.64
CA HIS B 110 9.63 9.53 -0.75
C HIS B 110 10.33 8.18 -0.73
N MET B 111 9.59 7.07 -0.64
CA MET B 111 10.18 5.72 -0.72
C MET B 111 11.04 5.62 -1.99
N LEU B 112 10.70 6.37 -3.04
CA LEU B 112 11.31 6.19 -4.40
C LEU B 112 12.20 7.38 -4.77
N LYS B 113 12.42 8.31 -3.85
CA LYS B 113 13.15 9.58 -4.11
C LYS B 113 12.69 10.15 -5.46
N GLY B 114 11.37 10.21 -5.69
CA GLY B 114 10.77 10.94 -6.85
C GLY B 114 10.39 10.08 -8.05
N ARG B 115 10.80 8.80 -8.06
CA ARG B 115 10.68 7.90 -9.25
C ARG B 115 9.22 7.42 -9.38
N LEU B 116 8.26 8.33 -9.37
CA LEU B 116 6.82 7.95 -9.38
C LEU B 116 6.07 8.73 -10.43
N THR B 117 5.08 8.04 -11.00
CA THR B 117 4.09 8.55 -11.98
C THR B 117 2.77 7.80 -11.71
N LEU B 118 1.80 8.48 -11.10
CA LEU B 118 0.40 8.00 -10.95
C LEU B 118 -0.25 7.93 -12.37
N ASN B 119 -0.83 6.78 -12.75
CA ASN B 119 -1.66 6.56 -13.97
C ASN B 119 -3.14 6.42 -13.55
N VAL B 120 -3.97 7.35 -13.99
CA VAL B 120 -5.28 7.62 -13.35
C VAL B 120 -6.37 6.92 -14.15
N ILE B 121 -6.65 5.65 -13.82
CA ILE B 121 -7.73 4.87 -14.48
C ILE B 121 -9.05 5.24 -13.79
N SER B 122 -10.18 5.18 -14.49
CA SER B 122 -11.45 5.79 -14.01
C SER B 122 -12.61 4.79 -14.09
N SER B 123 -12.29 3.51 -14.29
CA SER B 123 -13.23 2.38 -14.46
C SER B 123 -14.05 2.18 -13.18
N ASP B 124 -15.00 1.21 -13.24
CA ASP B 124 -15.86 0.73 -12.13
C ASP B 124 -15.00 0.07 -11.04
N PHE B 125 -15.43 0.18 -9.78
CA PHE B 125 -14.83 -0.56 -8.63
C PHE B 125 -15.21 -2.04 -8.71
N PRO B 126 -14.39 -2.95 -8.15
CA PRO B 126 -14.70 -4.38 -8.14
C PRO B 126 -16.00 -4.70 -7.36
N GLY B 127 -16.93 -5.39 -8.02
CA GLY B 127 -18.25 -5.77 -7.48
C GLY B 127 -19.25 -4.63 -7.51
N GLU B 128 -18.85 -3.44 -8.00
CA GLU B 128 -19.69 -2.21 -8.08
C GLU B 128 -19.91 -1.83 -9.56
N VAL B 129 -20.98 -1.08 -9.84
CA VAL B 129 -21.30 -0.55 -11.20
C VAL B 129 -22.00 0.81 -11.06
N ALA B 130 -21.35 1.89 -11.52
CA ALA B 130 -21.95 3.24 -11.64
C ALA B 130 -21.54 3.86 -12.99
N ASP B 131 -22.34 4.80 -13.50
CA ASP B 131 -22.34 5.13 -14.95
C ASP B 131 -21.16 6.08 -15.19
N SER B 132 -20.58 6.02 -16.40
CA SER B 132 -19.49 6.88 -16.91
C SER B 132 -19.54 8.29 -16.30
N ALA B 133 -20.66 9.00 -16.54
CA ALA B 133 -20.93 10.37 -16.07
C ALA B 133 -20.27 10.58 -14.71
N PHE B 134 -20.72 9.80 -13.73
CA PHE B 134 -20.26 9.85 -12.32
C PHE B 134 -18.78 9.45 -12.22
N ARG B 135 -18.42 8.32 -12.81
CA ARG B 135 -17.07 7.73 -12.63
C ARG B 135 -15.99 8.77 -12.95
N TYR B 136 -16.23 9.60 -13.97
CA TYR B 136 -15.32 10.67 -14.46
C TYR B 136 -15.43 11.88 -13.53
N LYS B 137 -16.64 12.41 -13.36
CA LYS B 137 -16.93 13.46 -12.34
C LYS B 137 -16.13 13.12 -11.08
N ARG B 138 -16.12 11.85 -10.68
CA ARG B 138 -15.39 11.38 -9.47
C ARG B 138 -13.89 11.52 -9.71
N SER B 139 -13.34 10.80 -10.68
CA SER B 139 -11.90 10.84 -11.05
C SER B 139 -11.43 12.28 -11.25
N HIS B 140 -12.29 13.20 -11.68
CA HIS B 140 -12.00 14.66 -11.70
C HIS B 140 -11.61 15.13 -10.27
N GLU B 141 -12.60 15.16 -9.37
CA GLU B 141 -12.50 15.64 -7.97
C GLU B 141 -11.29 15.00 -7.27
N VAL B 142 -10.93 13.76 -7.63
CA VAL B 142 -9.81 13.04 -6.98
C VAL B 142 -8.47 13.63 -7.43
N VAL B 143 -8.30 13.87 -8.72
CA VAL B 143 -7.09 14.53 -9.24
C VAL B 143 -7.11 15.96 -8.68
N GLU B 144 -8.22 16.69 -8.82
CA GLU B 144 -8.34 18.09 -8.29
C GLU B 144 -7.69 18.15 -6.89
N ILE B 145 -7.98 17.13 -6.07
CA ILE B 145 -7.51 17.00 -4.66
C ILE B 145 -6.02 16.67 -4.62
N LEU B 146 -5.58 15.58 -5.27
CA LEU B 146 -4.14 15.19 -5.35
C LEU B 146 -3.29 16.40 -5.72
N ARG B 147 -3.74 17.15 -6.72
CA ARG B 147 -3.10 18.41 -7.16
C ARG B 147 -2.99 19.37 -5.97
N GLN B 148 -4.08 19.64 -5.24
CA GLN B 148 -4.00 20.54 -4.07
C GLN B 148 -2.91 20.05 -3.11
N ALA B 149 -2.93 18.78 -2.71
CA ALA B 149 -1.94 18.16 -1.79
C ALA B 149 -0.54 18.57 -2.22
N TRP B 150 -0.30 18.55 -3.54
CA TRP B 150 1.05 18.71 -4.12
C TRP B 150 1.45 20.20 -4.21
N THR B 151 0.48 21.11 -4.28
CA THR B 151 0.69 22.55 -4.59
C THR B 151 0.44 23.41 -3.35
N ARG B 152 -0.71 23.24 -2.68
CA ARG B 152 -1.25 24.16 -1.63
C ARG B 152 -0.84 23.72 -0.22
N ASP B 153 -1.16 24.58 0.76
CA ASP B 153 -1.03 24.39 2.23
C ASP B 153 -2.09 23.44 2.74
N THR B 154 -3.31 23.69 2.28
CA THR B 154 -4.55 23.17 2.86
C THR B 154 -5.45 22.75 1.71
N ILE B 155 -6.17 21.64 1.88
CA ILE B 155 -7.11 21.13 0.87
C ILE B 155 -8.47 21.75 1.14
N ASP B 156 -8.98 22.52 0.17
CA ASP B 156 -10.31 23.19 0.19
C ASP B 156 -10.98 22.84 -1.13
N HIS B 157 -11.89 21.85 -1.10
CA HIS B 157 -12.54 21.23 -2.27
C HIS B 157 -13.97 20.91 -1.88
N ASP B 158 -14.92 21.69 -2.41
CA ASP B 158 -16.37 21.50 -2.15
C ASP B 158 -16.97 20.97 -3.45
N GLY B 159 -17.08 19.64 -3.59
CA GLY B 159 -17.56 18.95 -4.81
C GLY B 159 -18.95 18.36 -4.63
N GLU B 160 -19.45 17.70 -5.68
CA GLU B 160 -20.75 16.96 -5.68
C GLU B 160 -20.54 15.65 -4.92
N ILE B 161 -19.44 14.94 -5.23
CA ILE B 161 -19.17 13.61 -4.61
C ILE B 161 -18.34 13.81 -3.34
N TYR B 162 -17.33 14.69 -3.31
CA TYR B 162 -16.44 14.90 -2.13
C TYR B 162 -16.49 16.35 -1.59
N GLN B 163 -16.30 16.52 -0.27
CA GLN B 163 -16.18 17.83 0.41
C GLN B 163 -15.10 17.79 1.49
N PHE B 164 -14.06 18.63 1.36
CA PHE B 164 -12.99 18.87 2.34
C PHE B 164 -12.74 20.38 2.45
N LYS B 165 -13.23 21.03 3.51
CA LYS B 165 -12.87 22.45 3.86
C LYS B 165 -11.76 22.40 4.94
N GLY B 166 -10.52 22.66 4.53
CA GLY B 166 -9.40 23.05 5.41
C GLY B 166 -8.66 21.87 6.03
N VAL B 167 -7.94 21.08 5.24
CA VAL B 167 -7.25 19.83 5.67
C VAL B 167 -5.74 19.96 5.40
N SER B 168 -4.93 20.16 6.43
CA SER B 168 -3.45 20.25 6.26
C SER B 168 -2.94 19.23 5.24
N THR B 169 -2.01 19.67 4.40
CA THR B 169 -1.39 18.87 3.32
C THR B 169 -0.03 18.32 3.81
N GLU B 170 0.41 18.72 5.00
CA GLU B 170 1.73 18.34 5.58
C GLU B 170 1.88 16.81 5.50
N PRO B 171 0.85 15.97 5.80
CA PRO B 171 1.02 14.51 5.76
C PRO B 171 1.40 13.95 4.39
N ALA B 172 0.89 14.65 3.35
CA ALA B 172 0.71 14.27 1.91
C ALA B 172 1.63 15.08 0.97
N ARG B 173 2.61 15.80 1.51
CA ARG B 173 3.60 16.55 0.68
C ARG B 173 4.51 15.55 0.00
N PRO B 174 4.59 15.62 -1.35
CA PRO B 174 5.39 14.68 -2.14
C PRO B 174 6.84 15.12 -2.32
N TYR B 175 7.70 14.17 -2.68
CA TYR B 175 9.14 14.38 -3.06
C TYR B 175 9.22 15.40 -4.20
N GLN B 176 8.47 15.14 -5.27
CA GLN B 176 8.44 15.95 -6.53
C GLN B 176 7.88 17.35 -6.27
N LEU B 177 8.27 18.30 -7.14
CA LEU B 177 8.00 19.75 -7.05
C LEU B 177 7.06 20.15 -8.18
N ASN B 178 6.89 21.45 -8.38
CA ASN B 178 6.40 22.03 -9.66
C ASN B 178 5.07 21.36 -10.04
N GLY B 179 4.17 21.21 -9.07
CA GLY B 179 2.80 20.69 -9.29
C GLY B 179 2.67 19.20 -9.01
N GLY B 180 3.78 18.54 -8.64
CA GLY B 180 3.82 17.16 -8.11
C GLY B 180 4.23 16.13 -9.14
N PRO B 181 3.87 14.84 -8.99
CA PRO B 181 4.24 13.81 -9.97
C PRO B 181 3.50 13.97 -11.30
N LEU B 182 3.89 13.16 -12.28
CA LEU B 182 3.28 13.20 -13.63
C LEU B 182 2.12 12.20 -13.69
N LEU B 183 1.07 12.54 -14.45
CA LEU B 183 -0.14 11.72 -14.68
C LEU B 183 -0.17 11.19 -16.13
N TYR B 184 0.12 9.91 -16.33
CA TYR B 184 -0.02 9.24 -17.65
C TYR B 184 -1.37 8.53 -17.68
N PHE B 185 -2.32 9.04 -18.46
CA PHE B 185 -3.60 8.35 -18.71
C PHE B 185 -4.21 8.83 -20.02
N GLY B 186 -5.10 8.02 -20.58
CA GLY B 186 -5.76 8.29 -21.88
C GLY B 186 -7.24 8.51 -21.73
N GLY B 187 -8.03 7.77 -22.54
CA GLY B 187 -9.48 7.93 -22.70
C GLY B 187 -9.85 8.44 -24.09
N TYR B 188 -10.92 7.88 -24.66
CA TYR B 188 -11.39 8.17 -26.04
C TYR B 188 -12.74 8.92 -25.95
N SER B 189 -13.66 8.52 -25.07
CA SER B 189 -14.96 9.23 -24.93
C SER B 189 -14.70 10.69 -24.59
N PRO B 190 -15.54 11.64 -25.06
CA PRO B 190 -15.48 13.04 -24.67
C PRO B 190 -15.15 13.27 -23.19
N ASP B 191 -15.90 12.64 -22.28
CA ASP B 191 -15.69 12.73 -20.82
C ASP B 191 -14.22 12.45 -20.50
N ALA B 192 -13.64 11.37 -21.03
CA ALA B 192 -12.27 10.90 -20.74
C ALA B 192 -11.21 11.80 -21.39
N LEU B 193 -11.57 12.48 -22.49
CA LEU B 193 -10.70 13.51 -23.11
C LEU B 193 -10.70 14.72 -22.18
N GLU B 194 -11.88 15.25 -21.87
CA GLU B 194 -12.02 16.47 -21.03
C GLU B 194 -11.03 16.35 -19.88
N LEU B 195 -10.94 15.15 -19.30
CA LEU B 195 -10.04 14.87 -18.15
C LEU B 195 -8.58 14.83 -18.62
N CYS B 196 -8.26 13.95 -19.59
CA CYS B 196 -6.92 13.85 -20.20
C CYS B 196 -6.50 15.29 -20.61
N GLY B 197 -7.45 16.10 -21.08
CA GLY B 197 -7.29 17.53 -21.47
C GLY B 197 -7.02 18.46 -20.30
N ALA B 198 -7.85 18.46 -19.26
CA ALA B 198 -7.69 19.33 -18.07
C ALA B 198 -6.49 18.89 -17.21
N GLN B 199 -6.15 17.59 -17.16
CA GLN B 199 -5.32 16.99 -16.07
C GLN B 199 -4.25 15.99 -16.56
N CYS B 200 -4.34 15.35 -17.75
CA CYS B 200 -3.22 14.50 -18.31
C CYS B 200 -1.98 15.39 -18.31
N ASP B 201 -0.85 14.87 -17.85
CA ASP B 201 0.49 15.44 -18.16
C ASP B 201 0.93 14.71 -19.43
N VAL B 202 0.82 13.38 -19.42
CA VAL B 202 0.91 12.51 -20.63
C VAL B 202 -0.51 12.03 -20.96
N TYR B 203 -0.75 11.73 -22.23
CA TYR B 203 -1.99 11.14 -22.77
C TYR B 203 -1.54 9.84 -23.44
N LEU B 204 -2.08 8.70 -23.04
CA LEU B 204 -1.75 7.38 -23.64
C LEU B 204 -2.70 7.01 -24.79
N MET B 205 -2.13 6.37 -25.81
CA MET B 205 -2.88 5.79 -26.95
C MET B 205 -2.59 4.30 -27.00
N TRP B 206 -3.67 3.52 -27.11
CA TRP B 206 -3.59 2.10 -27.49
C TRP B 206 -3.37 2.08 -29.01
N PRO B 207 -2.81 0.98 -29.57
CA PRO B 207 -2.17 1.01 -30.89
C PRO B 207 -3.16 1.06 -32.07
N GLU B 208 -2.82 1.85 -33.10
CA GLU B 208 -3.68 2.13 -34.29
C GLU B 208 -2.81 2.46 -35.52
N THR B 209 -3.51 2.63 -36.65
CA THR B 209 -2.98 3.13 -37.94
C THR B 209 -2.28 4.47 -37.68
N LYS B 210 -1.03 4.63 -38.11
CA LYS B 210 -0.21 5.88 -37.92
C LYS B 210 -1.09 7.12 -38.10
N ASP B 211 -2.09 7.06 -39.00
CA ASP B 211 -2.97 8.23 -39.29
C ASP B 211 -4.08 8.33 -38.22
N GLN B 212 -4.76 7.22 -37.90
CA GLN B 212 -5.79 7.17 -36.82
C GLN B 212 -5.19 7.81 -35.55
N LEU B 213 -3.91 7.53 -35.25
CA LEU B 213 -3.19 8.06 -34.05
C LEU B 213 -3.19 9.58 -34.09
N ALA B 214 -2.77 10.13 -35.23
CA ALA B 214 -2.73 11.59 -35.47
C ALA B 214 -4.06 12.19 -35.01
N ASP B 215 -5.16 11.57 -35.44
CA ASP B 215 -6.54 12.06 -35.18
C ASP B 215 -6.76 12.14 -33.67
N ARG B 216 -6.41 11.06 -32.94
CA ARG B 216 -6.45 11.02 -31.46
C ARG B 216 -5.65 12.21 -30.93
N MET B 217 -4.41 12.32 -31.40
CA MET B 217 -3.44 13.35 -30.93
C MET B 217 -4.07 14.74 -31.07
N ARG B 218 -4.76 14.98 -32.18
CA ARG B 218 -5.41 16.29 -32.46
C ARG B 218 -6.57 16.45 -31.48
N ALA B 219 -7.50 15.50 -31.50
CA ALA B 219 -8.74 15.46 -30.69
C ALA B 219 -8.45 15.75 -29.21
N ALA B 220 -7.35 15.16 -28.71
CA ALA B 220 -6.81 15.39 -27.35
C ALA B 220 -6.38 16.86 -27.24
N HIS B 221 -5.34 17.25 -28.00
CA HIS B 221 -4.76 18.62 -28.01
C HIS B 221 -5.86 19.70 -28.05
N GLU B 222 -6.90 19.52 -28.86
CA GLU B 222 -8.02 20.50 -28.99
C GLU B 222 -8.57 20.80 -27.59
N ARG B 223 -8.85 19.75 -26.80
CA ARG B 223 -9.44 19.86 -25.44
C ARG B 223 -8.39 20.45 -24.50
N ALA B 224 -7.10 20.08 -24.64
CA ALA B 224 -5.99 20.55 -23.76
C ALA B 224 -5.80 22.06 -23.94
N ALA B 225 -5.82 22.51 -25.20
CA ALA B 225 -5.66 23.92 -25.64
C ALA B 225 -6.78 24.81 -25.04
N ALA B 226 -7.98 24.26 -24.90
CA ALA B 226 -9.16 24.98 -24.33
C ALA B 226 -8.90 25.28 -22.84
N HIS B 227 -8.05 24.47 -22.18
CA HIS B 227 -7.54 24.69 -20.80
C HIS B 227 -6.17 25.39 -20.84
N GLY B 228 -5.76 25.85 -22.03
CA GLY B 228 -4.51 26.61 -22.21
C GLY B 228 -3.28 25.77 -21.89
N ARG B 229 -3.28 24.49 -22.27
CA ARG B 229 -2.15 23.57 -21.97
C ARG B 229 -1.80 22.75 -23.22
N THR B 230 -0.56 22.29 -23.26
CA THR B 230 -0.02 21.30 -24.24
C THR B 230 0.10 19.98 -23.49
N LEU B 231 -0.17 18.85 -24.14
CA LEU B 231 0.08 17.52 -23.53
C LEU B 231 1.38 16.99 -24.10
N ASP B 232 1.90 15.93 -23.48
CA ASP B 232 2.78 14.95 -24.16
C ASP B 232 1.96 13.71 -24.50
N TYR B 233 2.53 12.82 -25.29
CA TYR B 233 1.78 11.77 -26.02
C TYR B 233 2.60 10.49 -25.93
N GLY B 234 1.93 9.38 -25.63
CA GLY B 234 2.54 8.05 -25.37
C GLY B 234 1.77 6.91 -26.00
N LEU B 235 2.46 5.84 -26.36
CA LEU B 235 1.87 4.66 -27.02
C LEU B 235 2.04 3.43 -26.12
N ARG B 236 0.91 2.84 -25.71
CA ARG B 236 0.86 1.42 -25.28
C ARG B 236 0.95 0.59 -26.56
N VAL B 237 1.93 -0.30 -26.67
CA VAL B 237 1.87 -1.41 -27.68
C VAL B 237 2.62 -2.64 -27.15
N HIS B 238 2.26 -3.81 -27.66
CA HIS B 238 2.96 -5.11 -27.43
C HIS B 238 4.27 -5.13 -28.25
N MET B 239 5.05 -6.20 -28.14
CA MET B 239 6.35 -6.29 -28.85
C MET B 239 6.73 -7.74 -29.16
N VAL B 240 7.12 -7.96 -30.41
CA VAL B 240 7.84 -9.18 -30.86
C VAL B 240 8.95 -8.69 -31.76
N VAL B 241 10.18 -8.77 -31.32
CA VAL B 241 11.33 -8.22 -32.08
C VAL B 241 12.44 -9.27 -32.08
N ARG B 242 13.06 -9.49 -33.24
CA ARG B 242 14.14 -10.48 -33.45
C ARG B 242 15.14 -9.88 -34.45
N ASP B 243 16.20 -10.62 -34.79
CA ASP B 243 17.24 -10.19 -35.77
C ASP B 243 16.64 -10.13 -37.17
N THR B 244 15.80 -11.12 -37.50
CA THR B 244 15.18 -11.37 -38.82
C THR B 244 13.67 -11.22 -38.68
N GLU B 245 12.98 -10.68 -39.69
CA GLU B 245 11.49 -10.54 -39.67
C GLU B 245 10.80 -11.91 -39.73
N GLN B 246 11.25 -12.86 -40.57
CA GLN B 246 10.61 -14.19 -40.75
C GLN B 246 10.80 -15.03 -39.47
N GLU B 247 11.54 -14.50 -38.48
CA GLU B 247 11.68 -15.08 -37.11
C GLU B 247 10.56 -14.52 -36.22
N ALA B 248 10.27 -13.21 -36.33
CA ALA B 248 9.27 -12.43 -35.57
C ALA B 248 7.86 -12.86 -35.96
N ARG B 249 7.54 -12.86 -37.25
CA ARG B 249 6.21 -13.30 -37.75
C ARG B 249 5.96 -14.73 -37.27
N GLU B 250 7.03 -15.53 -37.18
CA GLU B 250 7.02 -16.96 -36.74
C GLU B 250 6.56 -17.03 -35.29
N TYR B 251 7.33 -16.43 -34.38
CA TYR B 251 7.03 -16.36 -32.92
C TYR B 251 5.60 -15.82 -32.72
N ALA B 252 5.26 -14.71 -33.36
CA ALA B 252 3.92 -14.07 -33.31
C ALA B 252 2.85 -15.14 -33.54
N ASP B 253 2.95 -15.90 -34.64
CA ASP B 253 1.98 -16.97 -34.98
C ASP B 253 2.07 -18.10 -33.92
N HIS B 254 3.20 -18.22 -33.20
CA HIS B 254 3.43 -19.19 -32.08
C HIS B 254 2.66 -18.76 -30.83
N LEU B 255 2.54 -17.44 -30.59
CA LEU B 255 1.91 -16.83 -29.37
C LEU B 255 0.41 -17.11 -29.35
N VAL B 256 -0.27 -16.98 -30.50
CA VAL B 256 -1.74 -17.19 -30.60
C VAL B 256 -2.03 -18.67 -30.88
N SER B 257 -1.01 -19.44 -31.23
CA SER B 257 -1.11 -20.81 -31.83
C SER B 257 -2.11 -21.68 -31.06
N LYS B 258 -2.06 -21.68 -29.72
CA LYS B 258 -2.92 -22.58 -28.91
C LYS B 258 -4.29 -21.91 -28.61
N LEU B 259 -4.41 -20.57 -28.74
CA LEU B 259 -5.66 -19.80 -28.43
C LEU B 259 -6.84 -20.43 -29.19
N ASP B 260 -7.81 -21.03 -28.49
CA ASP B 260 -9.06 -21.60 -29.07
C ASP B 260 -10.00 -20.44 -29.45
N ASP B 261 -9.58 -19.59 -30.42
CA ASP B 261 -10.26 -18.34 -30.89
C ASP B 261 -11.51 -18.69 -31.72
N GLU B 262 -12.36 -17.70 -32.04
CA GLU B 262 -13.47 -17.80 -33.03
C GLU B 262 -12.87 -18.31 -34.35
N TYR B 263 -11.62 -17.91 -34.66
CA TYR B 263 -10.79 -18.35 -35.83
C TYR B 263 -9.91 -19.55 -35.47
N GLY B 264 -10.43 -20.53 -34.71
CA GLY B 264 -9.81 -21.86 -34.48
C GLY B 264 -10.49 -22.92 -35.34
N GLN B 265 -10.11 -23.03 -36.62
CA GLN B 265 -10.72 -23.95 -37.64
C GLN B 265 -9.62 -24.59 -38.51
N ALA B 285 -18.42 -24.11 -44.89
CA ALA B 285 -18.97 -22.73 -44.89
C ALA B 285 -17.96 -21.73 -44.29
N ARG B 286 -16.64 -22.02 -44.44
CA ARG B 286 -15.50 -21.32 -43.77
C ARG B 286 -15.14 -20.01 -44.51
N GLU B 287 -16.04 -19.02 -44.49
CA GLU B 287 -15.87 -17.66 -45.06
C GLU B 287 -15.36 -16.71 -43.96
N LEU B 288 -14.09 -16.91 -43.54
CA LEU B 288 -13.34 -16.16 -42.50
C LEU B 288 -13.08 -14.71 -42.96
N ALA B 289 -13.55 -13.71 -42.21
CA ALA B 289 -13.40 -12.25 -42.49
C ALA B 289 -12.09 -11.72 -41.93
N ASP B 290 -11.22 -12.61 -41.39
CA ASP B 290 -9.88 -12.33 -40.78
C ASP B 290 -9.45 -10.87 -41.06
N LYS B 291 -10.03 -9.91 -40.33
CA LYS B 291 -9.55 -8.51 -40.16
C LYS B 291 -8.72 -8.43 -38.87
N PHE B 292 -8.01 -9.52 -38.54
CA PHE B 292 -6.95 -9.63 -37.50
C PHE B 292 -5.63 -10.03 -38.19
N GLY B 293 -5.14 -9.16 -39.10
CA GLY B 293 -3.82 -9.23 -39.78
C GLY B 293 -3.07 -7.91 -39.64
N TYR B 294 -2.11 -7.60 -40.51
CA TYR B 294 -1.15 -6.47 -40.32
C TYR B 294 -1.74 -5.16 -40.84
N VAL B 295 -2.44 -4.37 -40.01
CA VAL B 295 -3.04 -3.05 -40.43
C VAL B 295 -1.95 -2.12 -41.00
N GLU B 296 -0.69 -2.26 -40.58
CA GLU B 296 0.49 -1.54 -41.15
C GLU B 296 1.59 -2.57 -41.44
N PRO B 297 2.71 -2.15 -42.09
CA PRO B 297 3.89 -2.98 -42.24
C PRO B 297 4.20 -3.91 -41.06
N ASN B 298 4.36 -3.30 -39.88
CA ASN B 298 4.93 -3.94 -38.67
C ASN B 298 3.96 -3.84 -37.50
N LEU B 299 2.69 -3.48 -37.74
CA LEU B 299 1.67 -3.40 -36.65
C LEU B 299 0.64 -4.52 -36.78
N TRP B 300 0.87 -5.62 -36.07
CA TRP B 300 0.11 -6.89 -36.16
C TRP B 300 -1.05 -6.87 -35.16
N THR B 301 -2.29 -6.81 -35.66
CA THR B 301 -3.52 -6.78 -34.81
C THR B 301 -3.95 -8.21 -34.45
N GLY B 302 -3.15 -9.21 -34.83
CA GLY B 302 -3.47 -10.62 -34.59
C GLY B 302 -3.51 -10.94 -33.10
N ILE B 303 -2.60 -10.33 -32.35
CA ILE B 303 -2.50 -10.45 -30.87
C ILE B 303 -3.85 -10.12 -30.22
N GLY B 304 -4.66 -9.28 -30.87
CA GLY B 304 -6.03 -8.88 -30.42
C GLY B 304 -6.98 -10.07 -30.28
N ARG B 305 -6.67 -11.22 -30.88
CA ARG B 305 -7.40 -12.51 -30.74
C ARG B 305 -6.97 -13.19 -29.42
N ALA B 306 -6.75 -12.39 -28.34
CA ALA B 306 -6.75 -12.83 -26.92
C ALA B 306 -7.22 -11.68 -26.00
N ARG B 307 -7.93 -10.70 -26.56
CA ARG B 307 -8.38 -9.41 -25.94
C ARG B 307 -7.66 -9.17 -24.59
N SER B 308 -6.33 -9.06 -24.59
CA SER B 308 -5.49 -8.70 -23.40
C SER B 308 -5.41 -7.19 -23.22
N GLY B 309 -6.31 -6.40 -23.83
CA GLY B 309 -6.42 -4.93 -23.65
C GLY B 309 -5.75 -4.17 -24.78
N CYS B 310 -4.43 -4.28 -24.84
CA CYS B 310 -3.59 -3.93 -26.01
C CYS B 310 -3.87 -4.96 -27.12
N GLY B 311 -4.55 -4.53 -28.19
CA GLY B 311 -5.03 -5.40 -29.28
C GLY B 311 -4.10 -5.45 -30.49
N ALA B 312 -2.88 -4.87 -30.41
CA ALA B 312 -1.88 -4.82 -31.50
C ALA B 312 -0.44 -4.87 -30.94
N ALA B 313 0.52 -5.34 -31.74
CA ALA B 313 1.94 -5.52 -31.36
C ALA B 313 2.85 -5.03 -32.50
N LEU B 314 3.94 -4.33 -32.17
CA LEU B 314 5.08 -4.14 -33.10
C LEU B 314 5.71 -5.53 -33.30
N VAL B 315 5.80 -5.96 -34.56
CA VAL B 315 6.43 -7.25 -34.98
C VAL B 315 7.40 -6.96 -36.13
N GLY B 316 8.67 -7.34 -35.98
CA GLY B 316 9.66 -7.10 -37.04
C GLY B 316 11.08 -7.36 -36.57
N SER B 317 12.00 -7.34 -37.53
CA SER B 317 13.46 -7.28 -37.28
C SER B 317 13.75 -6.15 -36.31
N THR B 318 14.89 -6.24 -35.62
CA THR B 318 15.41 -5.15 -34.76
C THR B 318 15.19 -3.81 -35.49
N ASP B 319 15.73 -3.70 -36.70
CA ASP B 319 15.84 -2.41 -37.45
C ASP B 319 14.45 -1.92 -37.87
N GLN B 320 13.52 -2.83 -38.18
CA GLN B 320 12.14 -2.45 -38.52
C GLN B 320 11.53 -1.74 -37.31
N VAL B 321 11.61 -2.41 -36.16
CA VAL B 321 11.01 -1.89 -34.90
C VAL B 321 11.60 -0.50 -34.67
N LEU B 322 12.94 -0.41 -34.67
CA LEU B 322 13.69 0.82 -34.35
C LEU B 322 13.18 1.97 -35.24
N SER B 323 12.98 1.70 -36.53
CA SER B 323 12.49 2.69 -37.54
C SER B 323 11.08 3.16 -37.15
N ALA B 324 10.19 2.21 -36.87
CA ALA B 324 8.79 2.46 -36.50
C ALA B 324 8.72 3.40 -35.29
N LEU B 325 9.53 3.12 -34.26
CA LEU B 325 9.60 3.91 -33.01
C LEU B 325 10.18 5.29 -33.35
N GLU B 326 11.17 5.34 -34.24
CA GLU B 326 11.81 6.59 -34.71
C GLU B 326 10.76 7.44 -35.46
N GLU B 327 9.85 6.80 -36.21
CA GLU B 327 8.71 7.46 -36.93
C GLU B 327 7.72 8.00 -35.89
N TYR B 328 7.18 7.11 -35.05
CA TYR B 328 6.28 7.44 -33.93
C TYR B 328 6.85 8.66 -33.19
N GLN B 329 8.17 8.67 -32.95
CA GLN B 329 8.89 9.78 -32.26
C GLN B 329 8.77 11.06 -33.11
N LYS B 330 9.06 11.00 -34.42
CA LYS B 330 9.00 12.17 -35.33
C LYS B 330 7.65 12.88 -35.17
N MET B 331 6.56 12.11 -35.09
CA MET B 331 5.15 12.58 -34.92
C MET B 331 5.02 13.45 -33.66
N GLY B 332 5.65 13.02 -32.55
CA GLY B 332 5.56 13.66 -31.22
C GLY B 332 5.31 12.69 -30.06
N ILE B 333 5.04 11.40 -30.34
CA ILE B 333 4.86 10.33 -29.29
C ILE B 333 6.19 10.21 -28.53
N ARG B 334 6.25 10.72 -27.29
CA ARG B 334 7.48 10.86 -26.47
C ARG B 334 7.63 9.70 -25.47
N ALA B 335 6.62 8.84 -25.35
CA ALA B 335 6.63 7.67 -24.44
C ALA B 335 6.09 6.43 -25.15
N PHE B 336 6.64 5.29 -24.76
CA PHE B 336 6.30 3.93 -25.27
C PHE B 336 6.14 3.02 -24.06
N ILE B 337 5.06 2.25 -24.02
CA ILE B 337 4.78 1.33 -22.86
C ILE B 337 4.62 -0.08 -23.41
N LEU B 338 5.75 -0.78 -23.47
CA LEU B 338 5.96 -2.00 -24.28
C LEU B 338 5.74 -3.23 -23.42
N SER B 339 5.43 -4.39 -24.02
CA SER B 339 4.99 -5.60 -23.29
C SER B 339 4.96 -6.82 -24.21
N GLY B 340 5.69 -7.86 -23.86
CA GLY B 340 5.83 -9.05 -24.72
C GLY B 340 5.26 -10.28 -24.05
N TYR B 341 5.59 -11.47 -24.57
CA TYR B 341 5.21 -12.76 -23.97
C TYR B 341 6.38 -13.70 -24.20
N PRO B 342 6.86 -14.41 -23.16
CA PRO B 342 6.72 -13.96 -21.77
C PRO B 342 7.21 -12.51 -21.59
N HIS B 343 6.68 -11.82 -20.57
CA HIS B 343 7.07 -10.43 -20.24
C HIS B 343 8.56 -10.40 -19.90
N LEU B 344 9.05 -11.45 -19.25
CA LEU B 344 10.49 -11.58 -18.90
C LEU B 344 11.32 -11.58 -20.19
N ASP B 345 11.16 -12.63 -21.00
CA ASP B 345 12.06 -12.96 -22.14
C ASP B 345 12.02 -11.85 -23.18
N GLU B 346 10.82 -11.34 -23.48
CA GLU B 346 10.61 -10.34 -24.56
C GLU B 346 11.30 -9.02 -24.19
N ALA B 347 11.31 -8.66 -22.90
CA ALA B 347 11.99 -7.45 -22.42
C ALA B 347 13.48 -7.63 -22.68
N GLU B 348 13.99 -8.85 -22.40
CA GLU B 348 15.38 -9.31 -22.66
C GLU B 348 15.76 -9.04 -24.12
N HIS B 349 14.93 -9.50 -25.06
CA HIS B 349 15.10 -9.24 -26.52
C HIS B 349 15.14 -7.71 -26.72
N PHE B 350 13.98 -7.05 -26.74
CA PHE B 350 13.90 -5.60 -27.04
C PHE B 350 15.02 -4.87 -26.31
N GLY B 351 15.33 -5.30 -25.09
CA GLY B 351 16.40 -4.72 -24.25
C GLY B 351 17.77 -4.79 -24.88
N THR B 352 18.25 -6.00 -25.25
CA THR B 352 19.60 -6.24 -25.81
C THR B 352 19.70 -5.65 -27.24
N LYS B 353 18.58 -5.54 -27.95
CA LYS B 353 18.49 -5.32 -29.43
C LYS B 353 18.18 -3.86 -29.78
N VAL B 354 17.07 -3.32 -29.28
CA VAL B 354 16.48 -2.02 -29.74
C VAL B 354 16.80 -0.91 -28.73
N LEU B 355 16.64 -1.21 -27.45
CA LEU B 355 16.79 -0.23 -26.36
C LEU B 355 18.12 0.50 -26.53
N PRO B 356 19.27 -0.20 -26.66
CA PRO B 356 20.58 0.45 -26.58
C PRO B 356 20.63 1.58 -27.61
N GLN B 357 19.91 1.39 -28.71
CA GLN B 357 20.00 2.23 -29.93
C GLN B 357 19.02 3.41 -29.86
N MET B 358 18.26 3.58 -28.78
CA MET B 358 17.44 4.81 -28.60
C MET B 358 18.13 5.72 -27.58
N LYS B 359 17.97 7.04 -27.75
CA LYS B 359 18.25 8.06 -26.70
C LYS B 359 16.98 8.08 -25.83
N THR B 360 17.09 7.59 -24.58
CA THR B 360 16.00 7.46 -23.57
C THR B 360 16.05 8.62 -22.57
N CYS B 361 15.04 8.71 -21.72
CA CYS B 361 14.94 9.71 -20.63
C CYS B 361 13.91 9.24 -19.59
N SER B 362 13.80 10.00 -18.50
CA SER B 362 12.71 9.94 -17.51
C SER B 362 11.94 11.26 -17.62
N LEU B 363 10.69 11.20 -18.05
CA LEU B 363 9.85 12.41 -18.25
C LEU B 363 9.90 13.30 -17.01
N PRO B 364 9.76 12.74 -15.77
CA PRO B 364 9.79 13.55 -14.56
C PRO B 364 11.08 14.37 -14.44
N HIS B 365 12.22 13.73 -14.72
CA HIS B 365 13.56 14.37 -14.67
C HIS B 365 13.60 15.52 -15.69
N ALA B 366 13.08 15.30 -16.90
CA ALA B 366 13.00 16.31 -17.98
C ALA B 366 11.99 17.43 -17.64
N TYR B 367 10.73 17.08 -17.40
CA TYR B 367 9.64 17.99 -16.95
C TYR B 367 10.07 18.82 -15.71
N GLY B 368 11.09 18.34 -14.98
CA GLY B 368 11.81 19.10 -13.94
C GLY B 368 11.23 18.97 -12.53
N ARG B 369 10.49 17.89 -12.26
CA ARG B 369 9.65 17.70 -11.04
C ARG B 369 10.51 17.13 -9.89
N VAL B 370 11.37 16.15 -10.20
CA VAL B 370 12.30 15.48 -9.25
C VAL B 370 13.43 16.43 -8.89
N PRO B 371 13.71 16.69 -7.59
CA PRO B 371 14.94 17.39 -7.17
C PRO B 371 16.16 16.47 -7.00
N SER B 372 17.36 17.05 -6.87
CA SER B 372 18.68 16.36 -6.92
C SER B 372 19.09 15.79 -5.54
N GLU B 373 19.04 16.64 -4.51
CA GLU B 373 19.20 16.27 -3.07
C GLU B 373 17.80 16.24 -2.46
N THR B 374 17.63 15.43 -1.42
CA THR B 374 16.33 15.23 -0.70
C THR B 374 15.77 16.59 -0.29
N PRO B 375 14.50 16.91 -0.63
CA PRO B 375 13.96 18.27 -0.45
C PRO B 375 13.49 18.61 0.97
N ALA B 376 13.02 19.84 1.16
CA ALA B 376 12.58 20.41 2.45
C ALA B 376 11.12 20.04 2.70
N THR B 377 10.80 18.75 2.63
CA THR B 377 9.46 18.19 2.91
C THR B 377 9.38 17.69 4.35
N PRO B 378 8.16 17.63 4.91
CA PRO B 378 7.88 16.82 6.10
C PRO B 378 8.60 15.47 6.23
N LEU B 379 8.66 14.68 5.15
CA LEU B 379 9.23 13.30 5.18
C LEU B 379 10.68 13.34 4.69
N GLY B 380 11.23 14.54 4.49
CA GLY B 380 12.54 14.79 3.84
C GLY B 380 13.50 15.50 4.78
N ASN B 381 13.67 16.81 4.61
CA ASN B 381 14.64 17.68 5.34
C ASN B 381 13.94 18.94 5.83
N GLY B 382 12.64 18.86 6.16
CA GLY B 382 11.82 20.04 6.53
C GLY B 382 11.80 20.27 8.04
N GLU B 383 11.38 21.46 8.49
CA GLU B 383 11.13 21.74 9.94
C GLU B 383 9.95 20.87 10.39
N ARG B 384 10.18 19.92 11.31
CA ARG B 384 9.15 18.98 11.86
C ARG B 384 8.31 19.73 12.92
N HIS B 385 6.98 19.87 12.74
CA HIS B 385 6.11 20.76 13.56
C HIS B 385 5.09 19.93 14.35
#